data_8A7U
#
_entry.id   8A7U
#
_cell.length_a   58.970
_cell.length_b   78.120
_cell.length_c   88.130
_cell.angle_alpha   90.000
_cell.angle_beta   101.440
_cell.angle_gamma   90.000
#
_symmetry.space_group_name_H-M   'P 1 21 1'
#
loop_
_entity.id
_entity.type
_entity.pdbx_description
1 polymer 'Isoprenyl diphosphate synthase'
2 non-polymer 'MAGNESIUM ION'
3 non-polymer GLYCEROL
4 non-polymer 'GERANYL DIPHOSPHATE'
5 water water
#
_entity_poly.entity_id   1
_entity_poly.type   'polypeptide(L)'
_entity_poly.pdbx_seq_one_letter_code
;GSFSKEESREFMAIFPDIVRDLTDAGRHTDIPEVTKRFAKVLQYNVPTGKKTRGLSTVIAYKMLEKPENLTPENVRLAGI
LGWCVELLQASLLIMDDLMDRSETRRGQPCWYRQENVGFLAINDCLHVESSLYSVLRKYFSHLPCYVPIIELFHDVNFKT
NMGQSLDALCMKDGRPILSQFTMKRYSSIVKYKTSYYTFQLPVSLGMYLADMYDPEQHRQAKTILMEIGEFDQIQDDFLD
AFGDSQVTGKVGTDIKEGKCSWLAVVALQRSNPAQRQIMEEHYGRPEPESTQIIKNLYIELGLPATFAVYEEESFNIIRT
HIHQISKGLPHDLFFKIMKKIYKRDA
;
_entity_poly.pdbx_strand_id   A,B
#
loop_
_chem_comp.id
_chem_comp.type
_chem_comp.name
_chem_comp.formula
GOL non-polymer GLYCEROL 'C3 H8 O3'
GPP non-polymer 'GERANYL DIPHOSPHATE' 'C10 H20 O7 P2'
MG non-polymer 'MAGNESIUM ION' 'Mg 2'
#
# COMPACT_ATOMS: atom_id res chain seq x y z
N PHE A 3 23.97 17.62 5.17
CA PHE A 3 23.39 18.57 4.12
C PHE A 3 23.52 20.03 4.61
N SER A 4 23.50 21.01 3.71
CA SER A 4 23.60 22.46 4.01
C SER A 4 22.31 22.96 4.67
N LYS A 5 22.41 24.06 5.44
CA LYS A 5 21.27 24.74 6.11
C LYS A 5 20.26 25.17 5.05
N GLU A 6 20.71 25.78 3.96
CA GLU A 6 19.83 26.28 2.86
C GLU A 6 19.05 25.10 2.24
N GLU A 7 19.73 23.99 1.93
CA GLU A 7 19.07 22.78 1.36
C GLU A 7 18.08 22.18 2.37
N SER A 8 18.44 22.12 3.65
CA SER A 8 17.55 21.53 4.68
C SER A 8 16.30 22.41 4.84
N ARG A 9 16.47 23.73 4.88
CA ARG A 9 15.32 24.63 5.17
C ARG A 9 14.41 24.67 3.95
N GLU A 10 14.99 24.78 2.75
CA GLU A 10 14.21 24.75 1.49
C GLU A 10 13.37 23.45 1.43
N PHE A 11 13.98 22.32 1.74
CA PHE A 11 13.31 21.01 1.71
C PHE A 11 12.17 21.00 2.74
N MET A 12 12.45 21.43 3.96
CA MET A 12 11.41 21.40 5.01
C MET A 12 10.22 22.30 4.64
N ALA A 13 10.45 23.42 3.96
CA ALA A 13 9.39 24.39 3.59
C ALA A 13 8.33 23.70 2.72
N ILE A 14 8.67 22.61 2.02
CA ILE A 14 7.76 21.96 1.03
C ILE A 14 6.69 21.14 1.76
N PHE A 15 7.06 20.56 2.91
CA PHE A 15 6.19 19.58 3.57
C PHE A 15 4.76 20.11 3.82
N PRO A 16 4.59 21.30 4.43
CA PRO A 16 3.23 21.81 4.70
C PRO A 16 2.36 21.91 3.43
N ASP A 17 2.98 22.22 2.29
CA ASP A 17 2.19 22.28 1.05
C ASP A 17 1.72 20.87 0.67
N ILE A 18 2.60 19.87 0.80
CA ILE A 18 2.19 18.48 0.46
C ILE A 18 1.01 18.04 1.37
N VAL A 19 1.06 18.36 2.66
CA VAL A 19 -0.08 18.04 3.54
C VAL A 19 -1.35 18.76 3.05
N ARG A 20 -1.27 20.02 2.67
CA ARG A 20 -2.45 20.77 2.16
C ARG A 20 -2.93 20.09 0.86
N ASP A 21 -1.99 19.68 -0.01
CA ASP A 21 -2.36 19.04 -1.30
C ASP A 21 -3.17 17.77 -1.03
N LEU A 22 -2.87 17.08 0.07
CA LEU A 22 -3.44 15.76 0.34
C LEU A 22 -4.67 15.86 1.25
N THR A 23 -4.95 16.99 1.88
CA THR A 23 -5.99 17.04 2.95
C THR A 23 -6.86 18.29 2.88
N ASP A 24 -6.49 19.30 2.09
CA ASP A 24 -7.14 20.64 2.17
C ASP A 24 -7.03 21.32 0.82
N ALA A 25 -7.36 20.59 -0.24
CA ALA A 25 -7.24 21.10 -1.62
C ALA A 25 -8.64 21.21 -2.22
N GLY A 26 -9.67 21.21 -1.33
CA GLY A 26 -11.11 21.21 -1.68
C GLY A 26 -11.57 19.99 -2.47
N ARG A 27 -10.99 18.78 -2.25
CA ARG A 27 -11.20 17.53 -3.07
C ARG A 27 -12.32 16.62 -2.48
N HIS A 28 -12.42 16.58 -1.15
CA HIS A 28 -13.18 15.57 -0.32
C HIS A 28 -13.90 16.29 0.82
N THR A 29 -14.61 17.35 0.47
CA THR A 29 -15.19 18.31 1.45
C THR A 29 -16.32 17.67 2.25
N ASP A 30 -16.85 16.52 1.81
CA ASP A 30 -17.95 15.78 2.48
C ASP A 30 -17.37 15.00 3.67
N ILE A 31 -16.04 14.85 3.82
CA ILE A 31 -15.46 13.96 4.89
C ILE A 31 -14.30 14.66 5.61
N PRO A 32 -14.57 15.84 6.20
CA PRO A 32 -13.51 16.57 6.87
C PRO A 32 -12.86 15.83 8.05
N GLU A 33 -13.61 14.98 8.76
CA GLU A 33 -13.05 14.30 9.97
C GLU A 33 -11.90 13.39 9.49
N VAL A 34 -12.01 12.85 8.26
CA VAL A 34 -11.02 11.90 7.72
C VAL A 34 -9.81 12.68 7.20
N THR A 35 -10.03 13.80 6.54
CA THR A 35 -8.92 14.59 5.98
C THR A 35 -8.13 15.19 7.14
N LYS A 36 -8.82 15.61 8.20
CA LYS A 36 -8.13 16.15 9.41
C LYS A 36 -7.33 15.04 10.06
N ARG A 37 -7.88 13.83 10.12
CA ARG A 37 -7.11 12.70 10.69
C ARG A 37 -5.90 12.40 9.80
N PHE A 38 -6.08 12.41 8.49
CA PHE A 38 -4.96 12.02 7.64
C PHE A 38 -3.84 13.07 7.75
N ALA A 39 -4.19 14.35 7.94
CA ALA A 39 -3.16 15.37 8.21
C ALA A 39 -2.32 14.94 9.42
N LYS A 40 -2.98 14.47 10.49
CA LYS A 40 -2.25 14.01 11.69
C LYS A 40 -1.42 12.79 11.38
N VAL A 41 -1.91 11.87 10.57
CA VAL A 41 -1.08 10.69 10.16
C VAL A 41 0.21 11.18 9.51
N LEU A 42 0.07 12.11 8.57
CA LEU A 42 1.25 12.60 7.83
C LEU A 42 2.16 13.38 8.80
N GLN A 43 1.59 14.23 9.64
CA GLN A 43 2.39 15.09 10.53
C GLN A 43 3.17 14.24 11.53
N TYR A 44 2.61 13.14 11.97
CA TYR A 44 3.29 12.29 12.97
C TYR A 44 4.45 11.49 12.34
N ASN A 45 4.16 10.94 11.17
CA ASN A 45 4.97 9.83 10.60
C ASN A 45 5.99 10.29 9.55
N VAL A 46 5.85 11.47 8.97
CA VAL A 46 6.63 11.83 7.75
C VAL A 46 7.73 12.86 8.01
N PRO A 47 7.55 13.94 8.80
CA PRO A 47 8.49 15.06 8.71
C PRO A 47 9.48 15.20 9.87
N THR A 48 9.52 14.24 10.83
CA THR A 48 10.31 14.45 12.05
C THR A 48 11.70 13.78 11.96
N GLY A 49 11.95 12.89 11.01
CA GLY A 49 13.30 12.29 10.91
C GLY A 49 14.42 13.27 10.53
N LYS A 50 15.56 12.68 10.18
CA LYS A 50 16.70 13.33 9.50
C LYS A 50 16.40 13.63 8.03
N LYS A 51 15.45 12.95 7.45
CA LYS A 51 15.03 13.09 6.01
C LYS A 51 16.22 12.91 5.06
N THR A 52 17.07 11.95 5.37
CA THR A 52 18.29 11.65 4.56
C THR A 52 17.87 11.30 3.14
N ARG A 53 16.87 10.47 3.01
CA ARG A 53 16.48 9.97 1.67
C ARG A 53 15.85 11.10 0.83
N GLY A 54 14.99 11.91 1.40
CA GLY A 54 14.44 13.08 0.71
C GLY A 54 15.53 14.04 0.28
N LEU A 55 16.38 14.47 1.20
CA LEU A 55 17.43 15.44 0.87
C LEU A 55 18.37 14.81 -0.16
N SER A 56 18.63 13.52 -0.07
CA SER A 56 19.58 12.87 -1.01
CA SER A 56 19.57 12.83 -1.01
C SER A 56 19.00 12.89 -2.44
N THR A 57 17.69 12.98 -2.55
CA THR A 57 17.02 13.07 -3.89
C THR A 57 17.40 14.41 -4.48
N VAL A 58 17.35 15.45 -3.69
CA VAL A 58 17.70 16.82 -4.12
C VAL A 58 19.17 16.85 -4.50
N ILE A 59 20.05 16.28 -3.67
CA ILE A 59 21.51 16.28 -3.93
C ILE A 59 21.76 15.57 -5.24
N ALA A 60 21.13 14.42 -5.38
CA ALA A 60 21.39 13.61 -6.59
C ALA A 60 21.03 14.47 -7.79
N TYR A 61 19.85 15.06 -7.76
CA TYR A 61 19.39 15.88 -8.90
C TYR A 61 20.42 16.98 -9.22
N LYS A 62 20.84 17.72 -8.19
CA LYS A 62 21.77 18.87 -8.34
C LYS A 62 23.13 18.44 -8.93
N MET A 63 23.52 17.19 -8.74
CA MET A 63 24.80 16.66 -9.27
C MET A 63 24.61 16.01 -10.65
N LEU A 64 23.39 15.77 -11.09
CA LEU A 64 23.10 15.08 -12.39
C LEU A 64 22.66 16.07 -13.45
N GLU A 65 21.94 17.10 -13.05
CA GLU A 65 21.36 18.08 -13.98
C GLU A 65 22.47 18.98 -14.49
N LYS A 66 22.26 19.53 -15.68
CA LYS A 66 23.15 20.58 -16.22
C LYS A 66 23.02 21.81 -15.33
N PRO A 67 24.14 22.44 -14.90
CA PRO A 67 24.10 23.63 -14.05
C PRO A 67 23.12 24.71 -14.49
N GLU A 68 22.99 24.95 -15.80
CA GLU A 68 22.10 26.04 -16.33
C GLU A 68 20.61 25.68 -16.15
N ASN A 69 20.26 24.39 -15.96
CA ASN A 69 18.87 23.96 -15.66
C ASN A 69 18.58 23.95 -14.15
N LEU A 70 19.54 24.28 -13.28
CA LEU A 70 19.28 24.18 -11.81
C LEU A 70 18.56 25.44 -11.30
N THR A 71 17.32 25.64 -11.73
CA THR A 71 16.49 26.80 -11.30
C THR A 71 15.93 26.52 -9.91
N PRO A 72 15.49 27.56 -9.17
CA PRO A 72 14.74 27.34 -7.94
C PRO A 72 13.52 26.42 -8.15
N GLU A 73 12.87 26.56 -9.30
CA GLU A 73 11.65 25.77 -9.65
C GLU A 73 11.99 24.28 -9.78
N ASN A 74 13.11 23.96 -10.42
CA ASN A 74 13.49 22.56 -10.66
C ASN A 74 14.00 21.93 -9.37
N VAL A 75 14.73 22.70 -8.56
CA VAL A 75 15.24 22.21 -7.25
C VAL A 75 14.03 21.96 -6.31
N ARG A 76 12.97 22.77 -6.41
CA ARG A 76 11.74 22.53 -5.63
C ARG A 76 11.07 21.24 -6.13
N LEU A 77 11.05 20.98 -7.45
CA LEU A 77 10.48 19.70 -7.95
C LEU A 77 11.29 18.53 -7.36
N ALA A 78 12.63 18.62 -7.34
CA ALA A 78 13.48 17.58 -6.74
C ALA A 78 13.08 17.38 -5.28
N GLY A 79 12.85 18.48 -4.55
CA GLY A 79 12.39 18.40 -3.15
C GLY A 79 11.07 17.69 -3.04
N ILE A 80 10.13 17.95 -3.96
CA ILE A 80 8.82 17.27 -3.93
C ILE A 80 9.03 15.77 -4.13
N LEU A 81 9.89 15.38 -5.05
CA LEU A 81 10.20 13.94 -5.27
C LEU A 81 10.80 13.37 -3.96
N GLY A 82 11.71 14.13 -3.35
CA GLY A 82 12.28 13.74 -2.06
C GLY A 82 11.19 13.44 -1.05
N TRP A 83 10.21 14.32 -0.95
CA TRP A 83 9.10 14.10 0.02
C TRP A 83 8.29 12.87 -0.36
N CYS A 84 8.16 12.55 -1.66
CA CYS A 84 7.49 11.32 -2.06
C CYS A 84 8.29 10.09 -1.56
N VAL A 85 9.63 10.16 -1.58
CA VAL A 85 10.46 9.07 -0.99
C VAL A 85 10.18 9.00 0.52
N GLU A 86 10.10 10.13 1.18
CA GLU A 86 9.79 10.15 2.65
C GLU A 86 8.36 9.65 2.90
N LEU A 87 7.40 9.92 1.99
CA LEU A 87 6.04 9.31 2.12
C LEU A 87 6.14 7.78 2.03
N LEU A 88 6.82 7.27 1.00
CA LEU A 88 6.99 5.80 0.88
C LEU A 88 7.66 5.25 2.16
N GLN A 89 8.75 5.85 2.59
CA GLN A 89 9.42 5.31 3.78
C GLN A 89 8.46 5.31 4.97
N ALA A 90 7.72 6.39 5.18
CA ALA A 90 6.82 6.48 6.35
C ALA A 90 5.86 5.30 6.30
N SER A 91 5.28 5.03 5.13
CA SER A 91 4.35 3.91 4.93
C SER A 91 5.02 2.61 5.34
N LEU A 92 6.25 2.41 4.91
CA LEU A 92 6.95 1.13 5.13
C LEU A 92 7.20 0.98 6.64
N LEU A 93 7.59 2.07 7.29
CA LEU A 93 7.98 1.91 8.70
C LEU A 93 6.75 1.80 9.57
N ILE A 94 5.64 2.46 9.25
CA ILE A 94 4.36 2.27 9.99
C ILE A 94 4.06 0.76 9.99
N MET A 95 4.15 0.14 8.83
CA MET A 95 3.80 -1.28 8.71
C MET A 95 4.85 -2.15 9.40
N ASP A 96 6.13 -1.88 9.18
CA ASP A 96 7.17 -2.72 9.80
C ASP A 96 7.02 -2.66 11.32
N ASP A 97 6.73 -1.52 11.88
CA ASP A 97 6.61 -1.44 13.37
C ASP A 97 5.49 -2.31 13.86
N LEU A 98 4.35 -2.33 13.16
CA LEU A 98 3.24 -3.21 13.55
C LEU A 98 3.72 -4.67 13.44
N MET A 99 4.37 -5.01 12.33
CA MET A 99 4.85 -6.41 12.12
C MET A 99 5.81 -6.84 13.25
N ASP A 100 6.72 -5.95 13.67
CA ASP A 100 7.81 -6.24 14.65
C ASP A 100 7.29 -6.01 16.07
N ARG A 101 6.06 -5.51 16.22
CA ARG A 101 5.52 -5.07 17.53
C ARG A 101 6.54 -4.18 18.27
N SER A 102 7.22 -3.25 17.60
CA SER A 102 8.20 -2.32 18.21
C SER A 102 7.53 -1.29 19.12
N GLU A 103 8.27 -0.78 20.07
CA GLU A 103 7.68 0.27 20.96
C GLU A 103 7.89 1.68 20.39
N THR A 104 9.08 1.95 19.84
CA THR A 104 9.49 3.30 19.39
C THR A 104 10.16 3.21 18.01
N ARG A 105 10.18 4.33 17.30
CA ARG A 105 10.78 4.54 15.96
C ARG A 105 11.30 5.99 15.99
N ARG A 106 12.59 6.22 15.77
CA ARG A 106 13.12 7.63 15.59
C ARG A 106 12.74 8.46 16.83
N GLY A 107 12.82 7.86 18.03
CA GLY A 107 12.51 8.53 19.31
C GLY A 107 11.04 8.61 19.69
N GLN A 108 10.11 8.28 18.79
CA GLN A 108 8.64 8.47 19.02
C GLN A 108 7.98 7.13 19.29
N PRO A 109 6.88 7.06 20.07
CA PRO A 109 6.07 5.84 20.10
C PRO A 109 5.67 5.47 18.67
N CYS A 110 5.73 4.19 18.33
CA CYS A 110 5.26 3.69 17.02
C CYS A 110 3.81 4.07 16.80
N TRP A 111 3.51 4.44 15.55
CA TRP A 111 2.15 4.90 15.20
C TRP A 111 1.08 3.90 15.64
N TYR A 112 1.28 2.60 15.40
CA TYR A 112 0.21 1.59 15.68
C TYR A 112 -0.12 1.56 17.18
N ARG A 113 0.79 2.04 18.03
CA ARG A 113 0.57 2.02 19.50
C ARG A 113 -0.25 3.21 19.98
N GLN A 114 -0.44 4.25 19.15
CA GLN A 114 -1.25 5.47 19.51
C GLN A 114 -2.70 5.01 19.75
N GLU A 115 -3.44 5.71 20.62
CA GLU A 115 -4.82 5.31 21.00
C GLU A 115 -5.66 5.17 19.72
N ASN A 116 -6.34 4.02 19.58
CA ASN A 116 -7.40 3.74 18.57
C ASN A 116 -6.77 3.55 17.20
N VAL A 117 -5.49 3.15 17.14
CA VAL A 117 -4.86 2.81 15.83
C VAL A 117 -4.74 1.27 15.74
N GLY A 118 -3.70 0.66 16.35
CA GLY A 118 -3.51 -0.79 16.34
C GLY A 118 -3.41 -1.27 14.91
N PHE A 119 -4.19 -2.29 14.55
CA PHE A 119 -4.15 -2.87 13.18
C PHE A 119 -4.75 -1.88 12.15
N LEU A 120 -5.37 -0.78 12.56
CA LEU A 120 -5.74 0.29 11.56
C LEU A 120 -4.48 0.91 10.93
N ALA A 121 -3.32 0.76 11.53
CA ALA A 121 -2.03 1.19 10.94
C ALA A 121 -1.86 0.55 9.55
N ILE A 122 -2.45 -0.62 9.31
CA ILE A 122 -2.33 -1.24 7.95
C ILE A 122 -3.01 -0.32 6.95
N ASN A 123 -4.24 0.09 7.20
CA ASN A 123 -4.90 1.06 6.30
C ASN A 123 -4.07 2.33 6.19
N ASP A 124 -3.57 2.88 7.30
CA ASP A 124 -2.81 4.14 7.23
C ASP A 124 -1.55 3.95 6.39
N CYS A 125 -0.89 2.79 6.48
CA CYS A 125 0.28 2.43 5.63
C CYS A 125 -0.14 2.56 4.15
N LEU A 126 -1.20 1.87 3.78
CA LEU A 126 -1.65 1.84 2.37
C LEU A 126 -1.98 3.27 1.93
N HIS A 127 -2.62 4.01 2.81
CA HIS A 127 -3.12 5.37 2.53
C HIS A 127 -1.92 6.28 2.26
N VAL A 128 -0.91 6.25 3.16
CA VAL A 128 0.27 7.13 3.01
C VAL A 128 0.99 6.75 1.69
N GLU A 129 1.15 5.47 1.39
CA GLU A 129 1.86 5.11 0.13
C GLU A 129 1.03 5.60 -1.05
N SER A 130 -0.28 5.41 -1.00
CA SER A 130 -1.14 5.82 -2.14
C SER A 130 -1.00 7.32 -2.33
N SER A 131 -0.79 8.08 -1.25
CA SER A 131 -0.85 9.55 -1.33
C SER A 131 0.29 10.09 -2.18
N LEU A 132 1.40 9.38 -2.29
CA LEU A 132 2.53 10.00 -3.04
C LEU A 132 2.17 10.11 -4.52
N TYR A 133 1.35 9.20 -5.03
CA TYR A 133 0.95 9.25 -6.47
C TYR A 133 0.09 10.49 -6.74
N SER A 134 -0.68 10.96 -5.78
CA SER A 134 -1.47 12.21 -5.90
CA SER A 134 -1.48 12.21 -5.89
C SER A 134 -0.55 13.41 -5.96
N VAL A 135 0.51 13.39 -5.17
CA VAL A 135 1.55 14.42 -5.24
C VAL A 135 2.20 14.39 -6.63
N LEU A 136 2.55 13.21 -7.12
CA LEU A 136 3.19 13.12 -8.45
C LEU A 136 2.25 13.70 -9.50
N ARG A 137 0.98 13.39 -9.43
CA ARG A 137 0.01 13.87 -10.46
C ARG A 137 -0.03 15.41 -10.41
N LYS A 138 -0.09 15.97 -9.22
CA LYS A 138 -0.23 17.44 -9.11
C LYS A 138 0.97 18.15 -9.78
N TYR A 139 2.19 17.71 -9.48
CA TYR A 139 3.37 18.52 -9.80
C TYR A 139 4.12 18.01 -11.04
N PHE A 140 3.87 16.79 -11.51
CA PHE A 140 4.70 16.18 -12.59
C PHE A 140 3.90 15.70 -13.80
N SER A 141 2.55 15.74 -13.80
CA SER A 141 1.75 15.07 -14.86
C SER A 141 2.04 15.67 -16.22
N HIS A 142 2.50 16.91 -16.25
CA HIS A 142 2.78 17.65 -17.50
C HIS A 142 4.21 17.39 -18.03
N LEU A 143 5.06 16.63 -17.29
CA LEU A 143 6.48 16.54 -17.64
C LEU A 143 6.78 15.15 -18.17
N PRO A 144 7.81 15.03 -19.05
CA PRO A 144 8.16 13.73 -19.62
C PRO A 144 8.57 12.68 -18.57
N CYS A 145 9.09 13.10 -17.43
CA CYS A 145 9.54 12.16 -16.39
C CYS A 145 8.37 11.54 -15.62
N TYR A 146 7.14 11.98 -15.85
CA TYR A 146 5.98 11.57 -15.01
C TYR A 146 5.83 10.05 -14.94
N VAL A 147 5.70 9.40 -16.09
CA VAL A 147 5.42 7.96 -16.13
C VAL A 147 6.62 7.18 -15.63
N PRO A 148 7.88 7.46 -16.06
CA PRO A 148 9.01 6.76 -15.48
C PRO A 148 9.03 6.85 -13.95
N ILE A 149 8.70 8.02 -13.41
CA ILE A 149 8.72 8.20 -11.94
C ILE A 149 7.61 7.38 -11.28
N ILE A 150 6.40 7.43 -11.78
CA ILE A 150 5.30 6.57 -11.23
C ILE A 150 5.78 5.12 -11.23
N GLU A 151 6.28 4.63 -12.36
CA GLU A 151 6.63 3.21 -12.52
C GLU A 151 7.76 2.87 -11.52
N LEU A 152 8.69 3.80 -11.33
CA LEU A 152 9.80 3.53 -10.38
C LEU A 152 9.26 3.35 -8.96
N PHE A 153 8.35 4.21 -8.53
CA PHE A 153 7.81 4.09 -7.16
C PHE A 153 7.06 2.77 -7.04
N HIS A 154 6.21 2.41 -8.01
CA HIS A 154 5.49 1.14 -7.86
C HIS A 154 6.46 -0.05 -7.87
N ASP A 155 7.48 -0.01 -8.72
CA ASP A 155 8.43 -1.14 -8.81
C ASP A 155 9.21 -1.25 -7.49
N VAL A 156 9.66 -0.11 -6.97
CA VAL A 156 10.45 -0.13 -5.72
C VAL A 156 9.53 -0.64 -4.62
N ASN A 157 8.26 -0.27 -4.59
CA ASN A 157 7.31 -0.78 -3.55
C ASN A 157 7.24 -2.31 -3.65
N PHE A 158 7.12 -2.86 -4.85
CA PHE A 158 7.02 -4.31 -5.09
C PHE A 158 8.33 -4.99 -4.63
N LYS A 159 9.46 -4.45 -5.00
CA LYS A 159 10.76 -5.06 -4.61
C LYS A 159 10.93 -4.98 -3.09
N THR A 160 10.58 -3.86 -2.49
CA THR A 160 10.74 -3.71 -1.01
C THR A 160 9.89 -4.75 -0.31
N ASN A 161 8.69 -5.01 -0.77
CA ASN A 161 7.84 -6.11 -0.23
C ASN A 161 8.52 -7.46 -0.33
N MET A 162 9.16 -7.75 -1.48
CA MET A 162 9.89 -9.01 -1.60
C MET A 162 10.95 -9.06 -0.48
N GLY A 163 11.67 -7.96 -0.23
CA GLY A 163 12.70 -7.91 0.82
C GLY A 163 12.09 -8.16 2.17
N GLN A 164 11.00 -7.50 2.48
CA GLN A 164 10.37 -7.67 3.82
C GLN A 164 9.92 -9.11 4.01
N SER A 165 9.31 -9.71 3.02
CA SER A 165 8.85 -11.12 3.05
C SER A 165 10.05 -12.05 3.16
N LEU A 166 11.17 -11.76 2.50
CA LEU A 166 12.36 -12.65 2.61
C LEU A 166 12.89 -12.56 4.03
N ASP A 167 12.91 -11.35 4.59
CA ASP A 167 13.33 -11.17 6.01
C ASP A 167 12.43 -12.04 6.89
N ALA A 168 11.11 -12.03 6.69
CA ALA A 168 10.16 -12.84 7.50
C ALA A 168 10.42 -14.34 7.35
N LEU A 169 10.95 -14.80 6.20
CA LEU A 169 11.25 -16.25 5.97
C LEU A 169 12.48 -16.66 6.82
N CYS A 170 13.04 -15.73 7.59
CA CYS A 170 14.16 -16.02 8.54
C CYS A 170 13.63 -16.21 9.94
N MET A 171 12.32 -16.20 10.13
CA MET A 171 11.66 -16.29 11.46
C MET A 171 10.53 -17.31 11.33
N LYS A 172 10.28 -18.12 12.37
CA LYS A 172 9.12 -19.05 12.41
C LYS A 172 8.47 -18.90 13.78
N ASP A 173 7.20 -18.49 13.81
CA ASP A 173 6.43 -18.22 15.06
C ASP A 173 7.33 -17.51 16.08
N GLY A 174 7.86 -16.35 15.72
CA GLY A 174 8.61 -15.45 16.65
C GLY A 174 10.02 -15.92 16.98
N ARG A 175 10.52 -16.98 16.34
CA ARG A 175 11.83 -17.60 16.68
C ARG A 175 12.71 -17.58 15.44
N PRO A 176 13.96 -17.10 15.55
CA PRO A 176 14.85 -17.07 14.41
C PRO A 176 15.14 -18.49 13.90
N ILE A 177 15.22 -18.63 12.57
CA ILE A 177 15.57 -19.91 11.89
C ILE A 177 17.05 -19.82 11.45
N LEU A 178 17.97 -20.25 12.31
CA LEU A 178 19.39 -19.90 12.09
C LEU A 178 19.94 -20.55 10.82
N SER A 179 19.32 -21.62 10.31
CA SER A 179 19.80 -22.29 9.08
C SER A 179 19.56 -21.32 7.92
N GLN A 180 18.68 -20.36 8.08
CA GLN A 180 18.39 -19.36 7.01
C GLN A 180 19.41 -18.23 7.01
N PHE A 181 20.22 -18.08 8.08
CA PHE A 181 21.12 -16.92 8.26
C PHE A 181 22.40 -17.14 7.46
N THR A 182 22.31 -17.07 6.13
CA THR A 182 23.46 -17.17 5.20
C THR A 182 23.79 -15.78 4.65
N MET A 183 25.01 -15.58 4.19
CA MET A 183 25.43 -14.28 3.67
C MET A 183 24.65 -14.03 2.38
N LYS A 184 24.40 -15.08 1.59
CA LYS A 184 23.66 -14.95 0.32
C LYS A 184 22.25 -14.41 0.61
N ARG A 185 21.56 -14.96 1.62
CA ARG A 185 20.19 -14.48 1.95
C ARG A 185 20.27 -13.08 2.56
N TYR A 186 21.19 -12.84 3.52
CA TYR A 186 21.42 -11.50 4.05
C TYR A 186 21.56 -10.47 2.91
N SER A 187 22.45 -10.72 1.96
CA SER A 187 22.73 -9.76 0.87
C SER A 187 21.44 -9.46 0.14
N SER A 188 20.65 -10.49 -0.11
CA SER A 188 19.37 -10.37 -0.84
C SER A 188 18.39 -9.53 -0.02
N ILE A 189 18.25 -9.82 1.26
CA ILE A 189 17.36 -9.02 2.14
C ILE A 189 17.73 -7.55 2.06
N VAL A 190 19.00 -7.24 2.23
CA VAL A 190 19.44 -5.82 2.28
C VAL A 190 19.13 -5.14 0.93
N LYS A 191 19.47 -5.79 -0.16
CA LYS A 191 19.23 -5.25 -1.54
C LYS A 191 17.76 -4.91 -1.68
N TYR A 192 16.88 -5.86 -1.40
CA TYR A 192 15.43 -5.68 -1.70
C TYR A 192 14.74 -4.82 -0.66
N LYS A 193 14.96 -5.15 0.60
CA LYS A 193 14.22 -4.47 1.69
C LYS A 193 14.67 -3.03 1.90
N THR A 194 15.95 -2.70 1.68
CA THR A 194 16.47 -1.36 2.04
C THR A 194 17.14 -0.64 0.87
N SER A 195 18.00 -1.30 0.13
CA SER A 195 18.90 -0.58 -0.80
C SER A 195 18.10 0.00 -1.97
N TYR A 196 17.08 -0.68 -2.45
CA TYR A 196 16.28 -0.12 -3.58
C TYR A 196 15.67 1.21 -3.17
N TYR A 197 14.99 1.28 -2.01
CA TYR A 197 14.26 2.53 -1.69
C TYR A 197 15.20 3.57 -1.10
N THR A 198 16.29 3.15 -0.46
CA THR A 198 17.19 4.07 0.24
C THR A 198 18.14 4.75 -0.76
N PHE A 199 18.72 3.97 -1.67
CA PHE A 199 19.83 4.42 -2.55
C PHE A 199 19.39 4.50 -4.01
N GLN A 200 18.82 3.44 -4.55
CA GLN A 200 18.49 3.45 -6.02
C GLN A 200 17.38 4.50 -6.28
N LEU A 201 16.35 4.53 -5.44
CA LEU A 201 15.17 5.39 -5.67
C LEU A 201 15.57 6.87 -5.72
N PRO A 202 16.26 7.47 -4.74
CA PRO A 202 16.66 8.88 -4.84
C PRO A 202 17.50 9.16 -6.10
N VAL A 203 18.47 8.28 -6.41
CA VAL A 203 19.36 8.53 -7.57
C VAL A 203 18.56 8.41 -8.86
N SER A 204 17.75 7.37 -9.01
CA SER A 204 16.97 7.20 -10.26
C SER A 204 16.00 8.38 -10.41
N LEU A 205 15.40 8.87 -9.32
CA LEU A 205 14.52 10.05 -9.37
C LEU A 205 15.29 11.27 -9.88
N GLY A 206 16.48 11.50 -9.34
CA GLY A 206 17.32 12.60 -9.80
C GLY A 206 17.56 12.47 -11.30
N MET A 207 17.89 11.27 -11.75
CA MET A 207 18.19 11.03 -13.16
C MET A 207 16.96 11.35 -13.98
N TYR A 208 15.79 10.81 -13.63
CA TYR A 208 14.58 11.06 -14.45
C TYR A 208 14.29 12.56 -14.51
N LEU A 209 14.37 13.28 -13.39
CA LEU A 209 14.06 14.72 -13.37
C LEU A 209 15.01 15.45 -14.33
N ALA A 210 16.25 14.96 -14.42
CA ALA A 210 17.31 15.49 -15.31
C ALA A 210 17.15 14.90 -16.73
N ASP A 211 16.07 14.19 -17.00
CA ASP A 211 15.78 13.64 -18.37
C ASP A 211 16.90 12.67 -18.78
N MET A 212 17.40 11.85 -17.84
CA MET A 212 18.31 10.72 -18.11
C MET A 212 17.49 9.42 -18.05
N TYR A 213 17.16 8.82 -19.19
CA TYR A 213 16.24 7.66 -19.28
C TYR A 213 16.93 6.39 -19.73
N ASP A 214 18.23 6.47 -20.02
CA ASP A 214 19.03 5.33 -20.57
C ASP A 214 19.04 4.23 -19.52
N PRO A 215 18.39 3.05 -19.76
CA PRO A 215 18.35 2.00 -18.76
C PRO A 215 19.78 1.63 -18.31
N GLU A 216 20.76 1.81 -19.20
CA GLU A 216 22.18 1.41 -18.91
C GLU A 216 22.83 2.37 -17.88
N GLN A 217 22.45 3.63 -17.91
CA GLN A 217 22.91 4.62 -16.92
C GLN A 217 22.32 4.24 -15.57
N HIS A 218 21.03 3.85 -15.55
CA HIS A 218 20.36 3.43 -14.29
C HIS A 218 21.04 2.17 -13.74
N ARG A 219 21.28 1.19 -14.60
CA ARG A 219 21.96 -0.09 -14.25
C ARG A 219 23.36 0.15 -13.65
N GLN A 220 24.20 0.96 -14.29
CA GLN A 220 25.57 1.28 -13.78
C GLN A 220 25.43 1.88 -12.37
N ALA A 221 24.53 2.86 -12.19
CA ALA A 221 24.31 3.53 -10.89
C ALA A 221 23.91 2.44 -9.90
N LYS A 222 23.01 1.54 -10.32
CA LYS A 222 22.50 0.48 -9.41
C LYS A 222 23.64 -0.42 -8.90
N THR A 223 24.52 -0.90 -9.75
CA THR A 223 25.65 -1.77 -9.33
C THR A 223 26.39 -1.13 -8.14
N ILE A 224 26.70 0.15 -8.24
CA ILE A 224 27.47 0.89 -7.21
C ILE A 224 26.58 1.06 -5.97
N LEU A 225 25.37 1.53 -6.17
CA LEU A 225 24.50 1.88 -5.01
C LEU A 225 24.19 0.59 -4.22
N MET A 226 24.05 -0.58 -4.87
CA MET A 226 23.78 -1.82 -4.11
C MET A 226 25.01 -2.17 -3.27
N GLU A 227 26.22 -1.88 -3.74
CA GLU A 227 27.46 -2.16 -2.96
C GLU A 227 27.53 -1.22 -1.76
N ILE A 228 27.24 0.07 -1.98
CA ILE A 228 27.24 1.06 -0.86
C ILE A 228 26.16 0.66 0.13
N GLY A 229 24.96 0.35 -0.35
CA GLY A 229 23.84 -0.04 0.53
C GLY A 229 24.19 -1.23 1.37
N GLU A 230 24.92 -2.20 0.82
CA GLU A 230 25.26 -3.39 1.62
C GLU A 230 26.21 -2.98 2.75
N PHE A 231 27.20 -2.14 2.48
CA PHE A 231 28.09 -1.66 3.55
C PHE A 231 27.26 -0.86 4.56
N ASP A 232 26.36 0.00 4.10
CA ASP A 232 25.57 0.87 5.05
C ASP A 232 24.82 -0.03 6.06
N GLN A 233 24.20 -1.11 5.61
CA GLN A 233 23.40 -1.98 6.49
C GLN A 233 24.33 -2.82 7.35
N ILE A 234 25.49 -3.22 6.81
CA ILE A 234 26.43 -4.00 7.65
C ILE A 234 26.94 -3.11 8.77
N GLN A 235 27.33 -1.89 8.47
CA GLN A 235 27.82 -0.96 9.53
C GLN A 235 26.71 -0.72 10.60
N ASP A 236 25.50 -0.48 10.12
CA ASP A 236 24.31 -0.30 10.98
C ASP A 236 24.16 -1.51 11.89
N ASP A 237 24.29 -2.72 11.35
CA ASP A 237 24.12 -3.96 12.15
C ASP A 237 25.26 -4.03 13.16
N PHE A 238 26.45 -3.75 12.75
CA PHE A 238 27.61 -3.79 13.67
C PHE A 238 27.37 -2.84 14.88
N LEU A 239 27.00 -1.61 14.59
CA LEU A 239 26.85 -0.56 15.60
C LEU A 239 25.64 -0.84 16.50
N ASP A 240 24.70 -1.64 16.05
CA ASP A 240 23.57 -2.05 16.92
C ASP A 240 24.10 -2.72 18.21
N ALA A 241 25.15 -3.55 18.10
CA ALA A 241 25.73 -4.28 19.23
C ALA A 241 26.95 -3.53 19.81
N PHE A 242 27.77 -2.88 19.00
CA PHE A 242 29.11 -2.39 19.39
C PHE A 242 29.16 -0.85 19.43
N GLY A 243 28.10 -0.17 19.00
CA GLY A 243 28.05 1.30 19.08
C GLY A 243 27.94 1.83 20.52
N ASP A 244 28.15 3.12 20.74
CA ASP A 244 28.00 3.75 22.08
C ASP A 244 26.61 4.43 22.20
N SER A 245 25.77 4.01 23.15
CA SER A 245 24.60 4.80 23.66
C SER A 245 25.09 6.00 24.49
N LYS A 250 20.63 5.71 20.78
CA LYS A 250 19.85 4.50 20.39
C LYS A 250 20.39 3.29 21.15
N VAL A 251 19.53 2.47 21.80
CA VAL A 251 19.95 1.21 22.48
C VAL A 251 19.59 0.05 21.54
N GLY A 252 20.58 -0.78 21.19
CA GLY A 252 20.35 -1.77 20.12
C GLY A 252 19.60 -2.98 20.63
N THR A 253 18.57 -3.40 19.90
CA THR A 253 17.69 -4.54 20.26
C THR A 253 17.70 -5.61 19.18
N ASP A 254 18.64 -5.56 18.24
CA ASP A 254 18.59 -6.54 17.12
C ASP A 254 18.70 -7.97 17.63
N ILE A 255 19.49 -8.23 18.68
CA ILE A 255 19.69 -9.62 19.15
C ILE A 255 18.34 -10.13 19.73
N LYS A 256 17.71 -9.39 20.63
CA LYS A 256 16.39 -9.73 21.25
C LYS A 256 15.33 -9.97 20.17
N GLU A 257 15.40 -9.16 19.12
CA GLU A 257 14.42 -9.19 18.01
C GLU A 257 14.68 -10.41 17.12
N GLY A 258 15.87 -11.01 17.19
CA GLY A 258 16.20 -12.19 16.38
C GLY A 258 16.45 -11.83 14.93
N LYS A 259 16.95 -10.64 14.71
CA LYS A 259 17.19 -10.20 13.31
C LYS A 259 18.25 -11.02 12.60
N CYS A 260 18.08 -11.17 11.29
CA CYS A 260 19.16 -11.73 10.45
C CYS A 260 20.19 -10.61 10.20
N SER A 261 20.99 -10.29 11.23
CA SER A 261 22.01 -9.23 11.24
C SER A 261 23.30 -9.79 10.64
N TRP A 262 24.12 -8.91 10.09
CA TRP A 262 25.47 -9.31 9.60
C TRP A 262 26.25 -9.98 10.73
N LEU A 263 26.11 -9.47 11.93
CA LEU A 263 26.84 -10.06 13.10
C LEU A 263 26.43 -11.53 13.30
N ALA A 264 25.12 -11.80 13.33
CA ALA A 264 24.61 -13.18 13.51
C ALA A 264 25.08 -14.06 12.35
N VAL A 265 25.01 -13.54 11.11
CA VAL A 265 25.43 -14.32 9.92
C VAL A 265 26.91 -14.69 10.07
N VAL A 266 27.75 -13.72 10.33
CA VAL A 266 29.21 -13.98 10.41
C VAL A 266 29.53 -14.83 11.64
N ALA A 267 28.82 -14.62 12.74
CA ALA A 267 29.00 -15.47 13.93
C ALA A 267 28.75 -16.94 13.58
N LEU A 268 27.73 -17.22 12.79
CA LEU A 268 27.38 -18.61 12.45
C LEU A 268 28.42 -19.18 11.50
N GLN A 269 28.97 -18.38 10.58
CA GLN A 269 30.08 -18.84 9.71
C GLN A 269 31.26 -19.32 10.57
N ARG A 270 31.59 -18.60 11.64
CA ARG A 270 32.86 -18.70 12.41
C ARG A 270 32.72 -19.71 13.56
N SER A 271 31.51 -20.07 13.93
CA SER A 271 31.19 -20.78 15.19
C SER A 271 31.57 -22.25 15.09
N ASN A 272 32.19 -22.77 16.16
CA ASN A 272 32.36 -24.23 16.31
C ASN A 272 31.03 -24.76 16.83
N PRO A 273 30.84 -26.08 16.95
CA PRO A 273 29.53 -26.60 17.37
C PRO A 273 29.01 -26.07 18.72
N ALA A 274 29.87 -25.92 19.71
CA ALA A 274 29.56 -25.35 21.04
C ALA A 274 29.06 -23.92 20.87
N GLN A 275 29.72 -23.16 20.03
CA GLN A 275 29.35 -21.74 19.77
C GLN A 275 28.01 -21.66 19.02
N ARG A 276 27.78 -22.52 18.03
CA ARG A 276 26.50 -22.60 17.30
C ARG A 276 25.37 -22.89 18.33
N GLN A 277 25.58 -23.81 19.25
CA GLN A 277 24.59 -24.14 20.29
C GLN A 277 24.27 -22.88 21.12
N ILE A 278 25.22 -22.00 21.38
CA ILE A 278 24.91 -20.77 22.18
C ILE A 278 23.93 -19.89 21.39
N MET A 279 24.17 -19.74 20.10
CA MET A 279 23.27 -18.95 19.21
C MET A 279 21.88 -19.60 19.25
N GLU A 280 21.81 -20.92 19.09
CA GLU A 280 20.49 -21.63 19.01
C GLU A 280 19.74 -21.37 20.32
N GLU A 281 20.41 -21.48 21.44
CA GLU A 281 19.74 -21.33 22.74
C GLU A 281 19.38 -19.88 23.04
N HIS A 282 20.20 -18.91 22.64
CA HIS A 282 20.08 -17.55 23.23
C HIS A 282 19.72 -16.46 22.22
N TYR A 283 19.84 -16.71 20.92
CA TYR A 283 19.57 -15.67 19.90
C TYR A 283 18.07 -15.45 19.83
N GLY A 284 17.66 -14.20 19.84
CA GLY A 284 16.24 -13.84 19.69
C GLY A 284 15.39 -14.13 20.91
N ARG A 285 15.99 -14.09 22.08
CA ARG A 285 15.27 -14.35 23.35
C ARG A 285 15.08 -13.01 24.05
N PRO A 286 14.03 -12.87 24.88
CA PRO A 286 13.74 -11.59 25.53
C PRO A 286 14.60 -11.20 26.74
N GLU A 287 15.17 -12.19 27.43
CA GLU A 287 15.91 -11.96 28.69
C GLU A 287 17.16 -11.14 28.44
N PRO A 288 17.48 -10.10 29.25
CA PRO A 288 18.70 -9.32 29.07
C PRO A 288 19.97 -10.19 29.03
N GLU A 289 20.02 -11.22 29.89
CA GLU A 289 21.22 -12.08 30.08
C GLU A 289 21.43 -12.87 28.78
N SER A 290 20.37 -13.16 28.01
CA SER A 290 20.53 -13.85 26.69
C SER A 290 21.18 -12.89 25.67
N THR A 291 20.80 -11.60 25.64
CA THR A 291 21.47 -10.60 24.76
C THR A 291 22.95 -10.53 25.14
N GLN A 292 23.27 -10.41 26.43
CA GLN A 292 24.68 -10.31 26.91
C GLN A 292 25.45 -11.54 26.44
N ILE A 293 24.86 -12.75 26.52
CA ILE A 293 25.54 -14.01 26.10
C ILE A 293 25.88 -13.91 24.61
N ILE A 294 24.95 -13.43 23.81
CA ILE A 294 25.23 -13.33 22.35
C ILE A 294 26.33 -12.26 22.10
N LYS A 295 26.22 -11.09 22.70
CA LYS A 295 27.26 -10.03 22.59
C LYS A 295 28.64 -10.60 22.97
N ASN A 296 28.69 -11.36 24.07
CA ASN A 296 29.96 -11.94 24.53
C ASN A 296 30.49 -12.90 23.46
N LEU A 297 29.63 -13.67 22.80
CA LEU A 297 30.07 -14.62 21.76
C LEU A 297 30.60 -13.82 20.57
N TYR A 298 29.91 -12.73 20.20
CA TYR A 298 30.42 -11.88 19.09
C TYR A 298 31.83 -11.37 19.42
N ILE A 299 32.08 -10.98 20.67
CA ILE A 299 33.42 -10.54 21.14
C ILE A 299 34.40 -11.72 21.06
N GLU A 300 34.03 -12.88 21.57
CA GLU A 300 34.88 -14.10 21.52
C GLU A 300 35.27 -14.46 20.08
N LEU A 301 34.35 -14.30 19.14
CA LEU A 301 34.59 -14.68 17.74
C LEU A 301 35.31 -13.58 16.96
N GLY A 302 35.60 -12.43 17.57
CA GLY A 302 36.44 -11.41 16.91
C GLY A 302 35.66 -10.65 15.87
N LEU A 303 34.37 -10.43 16.08
CA LEU A 303 33.58 -9.70 15.07
C LEU A 303 34.05 -8.25 14.93
N PRO A 304 34.48 -7.55 16.01
CA PRO A 304 35.00 -6.20 15.84
C PRO A 304 36.16 -6.13 14.82
N ALA A 305 37.16 -7.01 14.94
CA ALA A 305 38.31 -7.00 14.01
C ALA A 305 37.76 -7.30 12.61
N THR A 306 36.82 -8.23 12.54
CA THR A 306 36.26 -8.66 11.24
C THR A 306 35.60 -7.48 10.57
N PHE A 307 34.83 -6.70 11.32
CA PHE A 307 34.16 -5.51 10.75
C PHE A 307 35.21 -4.50 10.28
N ALA A 308 36.25 -4.25 11.08
CA ALA A 308 37.32 -3.26 10.77
C ALA A 308 37.94 -3.61 9.42
N VAL A 309 38.17 -4.89 9.19
CA VAL A 309 38.82 -5.35 7.93
C VAL A 309 37.81 -5.16 6.79
N TYR A 310 36.55 -5.55 7.01
CA TYR A 310 35.49 -5.42 5.98
C TYR A 310 35.32 -3.94 5.61
N GLU A 311 35.31 -3.03 6.59
CA GLU A 311 35.14 -1.56 6.36
C GLU A 311 36.26 -1.08 5.44
N GLU A 312 37.51 -1.51 5.69
CA GLU A 312 38.66 -1.02 4.86
C GLU A 312 38.57 -1.66 3.46
N GLU A 313 38.28 -2.95 3.38
CA GLU A 313 38.35 -3.66 2.08
C GLU A 313 37.22 -3.15 1.19
N SER A 314 36.02 -3.06 1.73
CA SER A 314 34.81 -2.70 0.98
C SER A 314 35.00 -1.28 0.47
N PHE A 315 35.58 -0.40 1.30
CA PHE A 315 35.80 1.02 0.91
C PHE A 315 36.68 1.08 -0.34
N ASN A 316 37.73 0.27 -0.35
CA ASN A 316 38.72 0.30 -1.46
C ASN A 316 38.08 -0.28 -2.72
N ILE A 317 37.33 -1.37 -2.61
CA ILE A 317 36.62 -2.03 -3.73
C ILE A 317 35.60 -1.02 -4.32
N ILE A 318 34.80 -0.37 -3.50
CA ILE A 318 33.76 0.55 -4.02
C ILE A 318 34.44 1.73 -4.73
N ARG A 319 35.52 2.26 -4.14
CA ARG A 319 36.23 3.44 -4.71
C ARG A 319 36.74 3.05 -6.09
N THR A 320 37.30 1.85 -6.22
CA THR A 320 37.82 1.33 -7.51
C THR A 320 36.67 1.26 -8.52
N HIS A 321 35.54 0.64 -8.14
CA HIS A 321 34.35 0.50 -9.02
C HIS A 321 33.81 1.88 -9.47
N ILE A 322 33.83 2.90 -8.60
CA ILE A 322 33.36 4.29 -8.96
C ILE A 322 34.29 4.88 -10.03
N HIS A 323 35.60 4.70 -9.86
CA HIS A 323 36.60 5.21 -10.86
C HIS A 323 36.30 4.59 -12.24
N GLN A 324 35.68 3.41 -12.28
CA GLN A 324 35.44 2.60 -13.50
C GLN A 324 34.06 2.85 -14.11
N ILE A 325 33.23 3.73 -13.50
CA ILE A 325 31.87 4.12 -13.99
C ILE A 325 32.01 4.84 -15.32
N SER A 326 31.09 4.61 -16.26
CA SER A 326 31.16 5.25 -17.61
C SER A 326 29.77 5.83 -17.99
N LYS A 327 29.47 5.93 -19.28
CA LYS A 327 28.19 6.44 -19.83
C LYS A 327 27.89 7.81 -19.20
N GLY A 328 28.92 8.64 -19.04
CA GLY A 328 28.79 10.04 -18.59
C GLY A 328 28.13 10.19 -17.23
N LEU A 329 28.09 9.17 -16.39
CA LEU A 329 27.59 9.34 -14.99
C LEU A 329 28.64 10.14 -14.22
N PRO A 330 28.24 11.12 -13.37
CA PRO A 330 29.21 11.86 -12.58
C PRO A 330 29.74 11.05 -11.39
N HIS A 331 31.05 10.85 -11.37
CA HIS A 331 31.78 10.13 -10.30
C HIS A 331 31.57 10.85 -8.97
N ASP A 332 31.56 12.19 -8.98
CA ASP A 332 31.52 12.98 -7.70
C ASP A 332 30.26 12.62 -6.90
N LEU A 333 29.12 12.34 -7.55
CA LEU A 333 27.87 11.98 -6.84
C LEU A 333 28.11 10.71 -6.01
N PHE A 334 28.68 9.67 -6.63
CA PHE A 334 28.91 8.36 -6.00
C PHE A 334 29.96 8.49 -4.90
N PHE A 335 31.02 9.28 -5.12
CA PHE A 335 32.00 9.61 -4.05
C PHE A 335 31.32 10.31 -2.87
N LYS A 336 30.40 11.23 -3.15
CA LYS A 336 29.73 12.02 -2.09
C LYS A 336 28.87 11.08 -1.23
N ILE A 337 28.17 10.14 -1.86
CA ILE A 337 27.30 9.15 -1.18
C ILE A 337 28.20 8.24 -0.33
N MET A 338 29.29 7.74 -0.90
CA MET A 338 30.31 6.94 -0.14
C MET A 338 30.73 7.70 1.11
N LYS A 339 31.11 8.97 0.97
CA LYS A 339 31.70 9.74 2.08
C LYS A 339 30.65 9.91 3.19
N LYS A 340 29.39 10.12 2.87
CA LYS A 340 28.26 10.21 3.84
C LYS A 340 28.15 8.89 4.62
N ILE A 341 28.27 7.77 3.93
CA ILE A 341 28.04 6.42 4.52
C ILE A 341 29.28 5.98 5.32
N TYR A 342 30.49 6.12 4.76
CA TYR A 342 31.74 5.67 5.43
C TYR A 342 32.26 6.73 6.42
N LYS A 343 31.72 7.95 6.37
CA LYS A 343 32.12 9.13 7.18
C LYS A 343 33.63 9.35 7.07
N ARG A 344 34.14 9.36 5.82
CA ARG A 344 35.54 9.65 5.46
C ARG A 344 35.70 9.63 3.93
N PHE B 3 -22.95 -13.53 -16.70
CA PHE B 3 -21.68 -13.84 -17.41
C PHE B 3 -21.76 -15.23 -18.06
N SER B 4 -21.49 -15.26 -19.35
CA SER B 4 -21.56 -16.50 -20.18
C SER B 4 -20.45 -17.43 -19.74
N LYS B 5 -20.57 -18.69 -20.12
CA LYS B 5 -19.53 -19.72 -19.91
C LYS B 5 -18.25 -19.22 -20.61
N GLU B 6 -18.40 -18.71 -21.84
CA GLU B 6 -17.25 -18.27 -22.67
C GLU B 6 -16.52 -17.12 -21.96
N GLU B 7 -17.27 -16.12 -21.48
CA GLU B 7 -16.71 -14.95 -20.76
C GLU B 7 -15.96 -15.39 -19.49
N SER B 8 -16.61 -16.23 -18.68
CA SER B 8 -15.99 -16.78 -17.43
C SER B 8 -14.72 -17.56 -17.79
N ARG B 9 -14.80 -18.44 -18.79
CA ARG B 9 -13.65 -19.34 -19.11
C ARG B 9 -12.51 -18.51 -19.68
N GLU B 10 -12.80 -17.55 -20.56
CA GLU B 10 -11.72 -16.72 -21.14
C GLU B 10 -11.08 -15.90 -20.03
N PHE B 11 -11.90 -15.41 -19.09
CA PHE B 11 -11.35 -14.58 -18.01
C PHE B 11 -10.43 -15.42 -17.13
N MET B 12 -10.91 -16.58 -16.71
CA MET B 12 -10.13 -17.48 -15.85
C MET B 12 -8.83 -17.91 -16.53
N ALA B 13 -8.79 -18.05 -17.87
CA ALA B 13 -7.58 -18.51 -18.56
C ALA B 13 -6.43 -17.51 -18.42
N ILE B 14 -6.69 -16.25 -18.10
CA ILE B 14 -5.67 -15.21 -17.99
C ILE B 14 -4.89 -15.38 -16.66
N PHE B 15 -5.55 -15.86 -15.60
CA PHE B 15 -4.96 -15.78 -14.24
C PHE B 15 -3.59 -16.45 -14.17
N PRO B 16 -3.36 -17.64 -14.73
CA PRO B 16 -2.06 -18.29 -14.56
C PRO B 16 -0.95 -17.42 -15.20
N ASP B 17 -1.31 -16.73 -16.30
CA ASP B 17 -0.33 -15.84 -16.93
C ASP B 17 0.08 -14.69 -16.01
N ILE B 18 -0.91 -14.05 -15.36
CA ILE B 18 -0.66 -12.97 -14.38
C ILE B 18 0.27 -13.49 -13.27
N VAL B 19 0.07 -14.70 -12.76
CA VAL B 19 0.97 -15.22 -11.69
C VAL B 19 2.39 -15.36 -12.23
N ARG B 20 2.53 -15.90 -13.45
CA ARG B 20 3.89 -16.08 -14.05
CA ARG B 20 3.87 -16.08 -14.06
C ARG B 20 4.53 -14.71 -14.27
N ASP B 21 3.74 -13.75 -14.73
CA ASP B 21 4.26 -12.41 -15.00
C ASP B 21 4.87 -11.82 -13.73
N LEU B 22 4.19 -12.03 -12.61
CA LEU B 22 4.58 -11.40 -11.33
C LEU B 22 5.64 -12.21 -10.60
N THR B 23 5.85 -13.48 -10.91
CA THR B 23 6.71 -14.37 -10.11
C THR B 23 7.74 -15.17 -10.91
N ASP B 24 7.64 -15.23 -12.22
CA ASP B 24 8.51 -16.15 -12.99
C ASP B 24 8.88 -15.48 -14.30
N THR B 29 15.79 -15.11 -11.39
CA THR B 29 15.69 -14.36 -10.09
C THR B 29 16.71 -14.89 -9.07
N ASP B 30 17.28 -13.94 -8.33
CA ASP B 30 18.21 -14.14 -7.21
C ASP B 30 17.41 -14.53 -5.95
N ILE B 31 16.07 -14.40 -5.96
CA ILE B 31 15.25 -14.58 -4.72
C ILE B 31 14.08 -15.53 -4.98
N PRO B 32 14.38 -16.77 -5.45
CA PRO B 32 13.30 -17.70 -5.77
C PRO B 32 12.45 -18.18 -4.59
N GLU B 33 12.95 -18.20 -3.34
CA GLU B 33 12.08 -18.75 -2.27
C GLU B 33 10.94 -17.73 -2.01
N VAL B 34 11.23 -16.44 -2.09
CA VAL B 34 10.17 -15.44 -1.74
C VAL B 34 9.27 -15.20 -2.96
N THR B 35 9.79 -15.38 -4.16
CA THR B 35 8.96 -15.32 -5.38
C THR B 35 8.00 -16.50 -5.36
N LYS B 36 8.47 -17.69 -5.05
CA LYS B 36 7.56 -18.86 -4.95
C LYS B 36 6.50 -18.59 -3.88
N ARG B 37 6.88 -18.02 -2.75
CA ARG B 37 5.85 -17.72 -1.74
C ARG B 37 4.83 -16.77 -2.32
N PHE B 38 5.28 -15.76 -3.05
CA PHE B 38 4.33 -14.75 -3.54
C PHE B 38 3.37 -15.40 -4.56
N ALA B 39 3.86 -16.33 -5.37
CA ALA B 39 2.97 -17.10 -6.26
C ALA B 39 1.85 -17.75 -5.45
N LYS B 40 2.18 -18.39 -4.32
CA LYS B 40 1.16 -19.00 -3.44
C LYS B 40 0.23 -17.92 -2.87
N VAL B 41 0.75 -16.78 -2.43
CA VAL B 41 -0.12 -15.69 -1.95
C VAL B 41 -1.21 -15.35 -3.01
N LEU B 42 -0.76 -15.20 -4.26
CA LEU B 42 -1.67 -14.89 -5.38
C LEU B 42 -2.62 -16.06 -5.61
N GLN B 43 -2.07 -17.27 -5.74
CA GLN B 43 -2.89 -18.44 -6.10
C GLN B 43 -3.91 -18.68 -5.02
N TYR B 44 -3.56 -18.47 -3.75
CA TYR B 44 -4.45 -18.95 -2.68
C TYR B 44 -5.57 -17.93 -2.46
N ASN B 45 -5.35 -16.63 -2.78
CA ASN B 45 -6.17 -15.46 -2.38
C ASN B 45 -6.90 -14.73 -3.55
N VAL B 46 -6.43 -14.81 -4.78
CA VAL B 46 -6.99 -13.92 -5.84
C VAL B 46 -8.03 -14.61 -6.72
N PRO B 47 -7.87 -15.88 -7.17
CA PRO B 47 -8.74 -16.41 -8.24
C PRO B 47 -10.01 -17.15 -7.81
N THR B 48 -10.23 -17.25 -6.48
CA THR B 48 -11.28 -18.17 -5.94
C THR B 48 -12.62 -17.44 -5.83
N GLY B 49 -13.74 -18.16 -5.83
CA GLY B 49 -15.02 -17.44 -5.71
C GLY B 49 -15.40 -16.67 -6.97
N LYS B 50 -16.32 -15.73 -6.89
CA LYS B 50 -17.16 -15.26 -8.06
C LYS B 50 -16.51 -14.28 -9.06
N LYS B 51 -15.62 -13.45 -8.68
CA LYS B 51 -14.90 -12.49 -9.57
C LYS B 51 -15.86 -11.53 -10.27
N THR B 52 -16.86 -11.05 -9.55
CA THR B 52 -17.89 -10.17 -10.14
C THR B 52 -17.24 -8.86 -10.62
N ARG B 53 -16.31 -8.28 -9.86
CA ARG B 53 -15.72 -6.98 -10.24
C ARG B 53 -14.88 -7.21 -11.49
N GLY B 54 -14.08 -8.24 -11.56
CA GLY B 54 -13.21 -8.44 -12.75
C GLY B 54 -14.05 -8.76 -13.97
N LEU B 55 -15.05 -9.62 -13.86
CA LEU B 55 -15.94 -9.95 -15.00
C LEU B 55 -16.75 -8.70 -15.38
N SER B 56 -17.12 -7.85 -14.43
CA SER B 56 -17.87 -6.59 -14.73
C SER B 56 -17.04 -5.66 -15.62
N THR B 57 -15.72 -5.71 -15.48
CA THR B 57 -14.80 -4.84 -16.23
C THR B 57 -14.88 -5.31 -17.69
N VAL B 58 -14.87 -6.63 -17.90
CA VAL B 58 -14.95 -7.20 -19.26
C VAL B 58 -16.30 -6.80 -19.86
N ILE B 59 -17.38 -7.05 -19.12
CA ILE B 59 -18.77 -6.75 -19.62
C ILE B 59 -18.83 -5.26 -19.99
N ALA B 60 -18.32 -4.38 -19.15
CA ALA B 60 -18.39 -2.93 -19.38
C ALA B 60 -17.69 -2.64 -20.70
N TYR B 61 -16.52 -3.16 -20.87
CA TYR B 61 -15.76 -2.91 -22.11
C TYR B 61 -16.55 -3.42 -23.32
N LYS B 62 -17.06 -4.65 -23.24
CA LYS B 62 -17.78 -5.24 -24.39
C LYS B 62 -19.02 -4.40 -24.75
N MET B 63 -19.63 -3.73 -23.77
CA MET B 63 -20.91 -2.97 -23.99
C MET B 63 -20.61 -1.48 -24.32
N LEU B 64 -19.36 -1.05 -24.16
CA LEU B 64 -18.93 0.36 -24.40
C LEU B 64 -18.21 0.47 -25.74
N GLU B 65 -17.38 -0.51 -26.10
CA GLU B 65 -16.56 -0.51 -27.33
C GLU B 65 -17.45 -0.65 -28.56
N LYS B 66 -16.97 -0.08 -29.67
CA LYS B 66 -17.56 -0.40 -30.97
C LYS B 66 -17.48 -1.89 -31.29
N PRO B 67 -18.58 -2.54 -31.74
CA PRO B 67 -18.52 -3.94 -32.16
C PRO B 67 -17.28 -4.31 -33.01
N GLU B 68 -16.90 -3.48 -33.99
CA GLU B 68 -15.77 -3.72 -34.93
C GLU B 68 -14.46 -3.84 -34.14
N ASN B 69 -14.32 -3.14 -33.02
CA ASN B 69 -13.06 -3.18 -32.20
C ASN B 69 -13.02 -4.29 -31.16
N LEU B 70 -14.06 -5.11 -31.04
CA LEU B 70 -14.07 -6.20 -30.03
C LEU B 70 -13.33 -7.43 -30.55
N THR B 71 -12.02 -7.30 -30.67
CA THR B 71 -11.12 -8.39 -31.10
C THR B 71 -10.87 -9.30 -29.92
N PRO B 72 -10.47 -10.58 -30.15
CA PRO B 72 -10.07 -11.42 -29.02
C PRO B 72 -8.96 -10.76 -28.18
N GLU B 73 -8.06 -10.05 -28.85
CA GLU B 73 -6.90 -9.37 -28.22
C GLU B 73 -7.40 -8.24 -27.29
N ASN B 74 -8.36 -7.43 -27.73
CA ASN B 74 -8.88 -6.31 -26.90
C ASN B 74 -9.72 -6.88 -25.75
N VAL B 75 -10.47 -7.93 -26.01
CA VAL B 75 -11.27 -8.54 -24.91
C VAL B 75 -10.33 -9.13 -23.88
N ARG B 76 -9.18 -9.66 -24.31
CA ARG B 76 -8.20 -10.18 -23.33
C ARG B 76 -7.61 -9.03 -22.53
N LEU B 77 -7.29 -7.88 -23.13
CA LEU B 77 -6.84 -6.69 -22.39
C LEU B 77 -7.89 -6.32 -21.36
N ALA B 78 -9.16 -6.42 -21.71
CA ALA B 78 -10.22 -6.05 -20.73
C ALA B 78 -10.15 -7.04 -19.55
N GLY B 79 -9.94 -8.32 -19.85
CA GLY B 79 -9.80 -9.34 -18.81
C GLY B 79 -8.63 -9.04 -17.90
N ILE B 80 -7.52 -8.61 -18.47
CA ILE B 80 -6.34 -8.26 -17.66
C ILE B 80 -6.71 -7.09 -16.73
N LEU B 81 -7.43 -6.09 -17.24
CA LEU B 81 -7.84 -4.98 -16.35
C LEU B 81 -8.76 -5.53 -15.25
N GLY B 82 -9.64 -6.46 -15.58
CA GLY B 82 -10.50 -7.08 -14.57
C GLY B 82 -9.66 -7.77 -13.55
N TRP B 83 -8.61 -8.46 -13.95
CA TRP B 83 -7.75 -9.11 -12.93
C TRP B 83 -7.08 -8.05 -12.06
N CYS B 84 -6.72 -6.90 -12.59
CA CYS B 84 -6.15 -5.80 -11.76
C CYS B 84 -7.19 -5.40 -10.71
N VAL B 85 -8.45 -5.31 -11.08
CA VAL B 85 -9.49 -4.99 -10.07
C VAL B 85 -9.50 -6.13 -9.01
N GLU B 86 -9.41 -7.37 -9.44
CA GLU B 86 -9.45 -8.53 -8.52
C GLU B 86 -8.20 -8.52 -7.65
N LEU B 87 -7.05 -8.05 -8.15
CA LEU B 87 -5.85 -7.94 -7.27
C LEU B 87 -6.14 -6.90 -6.20
N LEU B 88 -6.74 -5.76 -6.57
CA LEU B 88 -7.11 -4.76 -5.57
C LEU B 88 -8.14 -5.35 -4.57
N GLN B 89 -9.13 -6.08 -5.05
CA GLN B 89 -10.12 -6.76 -4.15
C GLN B 89 -9.38 -7.69 -3.20
N ALA B 90 -8.46 -8.51 -3.72
CA ALA B 90 -7.74 -9.45 -2.86
C ALA B 90 -6.95 -8.68 -1.82
N SER B 91 -6.30 -7.59 -2.15
CA SER B 91 -5.53 -6.81 -1.16
C SER B 91 -6.45 -6.33 -0.02
N LEU B 92 -7.66 -5.93 -0.36
CA LEU B 92 -8.65 -5.43 0.61
C LEU B 92 -9.20 -6.60 1.42
N LEU B 93 -9.47 -7.76 0.83
CA LEU B 93 -9.93 -8.91 1.65
C LEU B 93 -8.78 -9.36 2.58
N ILE B 94 -7.54 -9.40 2.08
CA ILE B 94 -6.38 -9.74 2.97
C ILE B 94 -6.34 -8.74 4.12
N MET B 95 -6.41 -7.46 3.89
CA MET B 95 -6.34 -6.48 5.00
C MET B 95 -7.48 -6.76 5.99
N ASP B 96 -8.67 -7.09 5.50
CA ASP B 96 -9.82 -7.45 6.40
C ASP B 96 -9.54 -8.71 7.24
N ASP B 97 -8.99 -9.77 6.65
CA ASP B 97 -8.55 -11.05 7.26
C ASP B 97 -7.52 -10.72 8.35
N LEU B 98 -6.61 -9.77 8.09
CA LEU B 98 -5.51 -9.41 9.02
C LEU B 98 -6.13 -8.66 10.20
N MET B 99 -7.06 -7.76 9.92
CA MET B 99 -7.69 -6.96 10.99
C MET B 99 -8.58 -7.89 11.84
N ASP B 100 -9.25 -8.90 11.26
CA ASP B 100 -10.09 -9.87 12.05
C ASP B 100 -9.22 -10.73 12.98
N ARG B 101 -8.17 -11.33 12.40
CA ARG B 101 -7.19 -12.24 13.04
C ARG B 101 -6.51 -11.55 14.25
N PHE B 119 -1.03 -18.66 6.11
CA PHE B 119 0.36 -18.14 6.21
C PHE B 119 0.40 -16.66 5.77
N LEU B 120 -0.73 -15.91 5.79
CA LEU B 120 -0.75 -14.51 5.27
C LEU B 120 0.08 -13.63 6.21
N ALA B 121 0.94 -12.82 5.61
CA ALA B 121 1.77 -11.82 6.32
C ALA B 121 1.11 -10.45 6.18
N ILE B 122 1.39 -9.57 7.12
CA ILE B 122 0.75 -8.24 7.13
C ILE B 122 1.11 -7.51 5.83
N ASN B 123 2.34 -7.61 5.35
CA ASN B 123 2.71 -6.83 4.14
C ASN B 123 2.15 -7.47 2.88
N ASP B 124 1.58 -8.67 2.96
CA ASP B 124 1.00 -9.26 1.74
C ASP B 124 -0.10 -8.35 1.20
N CYS B 125 -0.81 -7.57 2.01
CA CYS B 125 -1.90 -6.74 1.42
C CYS B 125 -1.25 -5.64 0.59
N LEU B 126 -0.19 -5.03 1.06
CA LEU B 126 0.52 -3.96 0.34
C LEU B 126 1.14 -4.55 -0.92
N HIS B 127 1.72 -5.73 -0.80
CA HIS B 127 2.41 -6.39 -1.92
C HIS B 127 1.40 -6.73 -3.00
N VAL B 128 0.28 -7.33 -2.66
CA VAL B 128 -0.77 -7.69 -3.66
C VAL B 128 -1.30 -6.41 -4.32
N GLU B 129 -1.56 -5.37 -3.55
CA GLU B 129 -2.03 -4.11 -4.19
C GLU B 129 -0.96 -3.58 -5.15
N SER B 130 0.32 -3.57 -4.77
CA SER B 130 1.39 -3.01 -5.61
CA SER B 130 1.39 -3.00 -5.62
C SER B 130 1.50 -3.82 -6.91
N SER B 131 1.16 -5.08 -6.87
CA SER B 131 1.37 -6.00 -7.99
C SER B 131 0.45 -5.60 -9.14
N LEU B 132 -0.69 -4.97 -8.87
CA LEU B 132 -1.61 -4.64 -10.00
C LEU B 132 -0.92 -3.60 -10.86
N TYR B 133 -0.11 -2.73 -10.31
CA TYR B 133 0.58 -1.68 -11.12
C TYR B 133 1.65 -2.33 -11.99
N SER B 134 2.25 -3.44 -11.58
CA SER B 134 3.23 -4.17 -12.43
CA SER B 134 3.21 -4.19 -12.41
C SER B 134 2.48 -4.76 -13.62
N VAL B 135 1.28 -5.28 -13.41
CA VAL B 135 0.43 -5.86 -14.48
C VAL B 135 0.04 -4.74 -15.45
N LEU B 136 -0.35 -3.58 -14.93
CA LEU B 136 -0.74 -2.44 -15.78
C LEU B 136 0.44 -2.03 -16.64
N ARG B 137 1.62 -1.89 -16.06
CA ARG B 137 2.82 -1.46 -16.81
C ARG B 137 3.06 -2.48 -17.91
N LYS B 138 3.01 -3.76 -17.58
CA LYS B 138 3.34 -4.82 -18.54
C LYS B 138 2.44 -4.70 -19.78
N TYR B 139 1.14 -4.63 -19.61
CA TYR B 139 0.19 -4.85 -20.73
C TYR B 139 -0.24 -3.53 -21.35
N PHE B 140 -0.21 -2.40 -20.65
CA PHE B 140 -0.92 -1.17 -21.07
C PHE B 140 0.01 0.01 -21.32
N SER B 141 1.30 -0.07 -21.02
CA SER B 141 2.18 1.11 -20.96
C SER B 141 2.29 1.77 -22.33
N HIS B 142 2.01 1.04 -23.41
CA HIS B 142 2.19 1.57 -24.78
C HIS B 142 0.86 2.06 -25.37
N LEU B 143 -0.19 2.00 -24.58
CA LEU B 143 -1.54 2.32 -25.06
C LEU B 143 -1.95 3.68 -24.56
N PRO B 144 -2.79 4.37 -25.36
CA PRO B 144 -3.24 5.71 -25.00
C PRO B 144 -3.99 5.78 -23.66
N CYS B 145 -4.61 4.67 -23.27
CA CYS B 145 -5.41 4.63 -22.03
C CYS B 145 -4.52 4.47 -20.79
N TYR B 146 -3.23 4.39 -20.93
CA TYR B 146 -2.39 3.95 -19.79
C TYR B 146 -2.44 4.98 -18.66
N VAL B 147 -2.16 6.23 -18.93
CA VAL B 147 -2.12 7.24 -17.83
C VAL B 147 -3.50 7.41 -17.19
N PRO B 148 -4.61 7.55 -17.94
CA PRO B 148 -5.93 7.64 -17.29
C PRO B 148 -6.20 6.41 -16.42
N ILE B 149 -5.82 5.21 -16.87
CA ILE B 149 -6.06 3.98 -16.08
C ILE B 149 -5.21 4.04 -14.79
N ILE B 150 -3.92 4.34 -14.90
CA ILE B 150 -3.09 4.30 -13.66
C ILE B 150 -3.62 5.39 -12.71
N GLU B 151 -3.94 6.56 -13.23
CA GLU B 151 -4.44 7.65 -12.34
C GLU B 151 -5.80 7.25 -11.70
N LEU B 152 -6.64 6.51 -12.39
CA LEU B 152 -7.92 6.01 -11.84
C LEU B 152 -7.62 5.07 -10.67
N PHE B 153 -6.73 4.09 -10.86
CA PHE B 153 -6.33 3.18 -9.78
C PHE B 153 -5.78 4.02 -8.62
N HIS B 154 -4.93 4.98 -8.88
CA HIS B 154 -4.31 5.76 -7.78
C HIS B 154 -5.42 6.46 -6.99
N ASP B 155 -6.36 7.08 -7.69
CA ASP B 155 -7.40 7.87 -7.02
C ASP B 155 -8.36 6.95 -6.27
N VAL B 156 -8.73 5.84 -6.87
CA VAL B 156 -9.65 4.88 -6.23
C VAL B 156 -8.96 4.31 -4.99
N ASN B 157 -7.67 4.03 -5.06
CA ASN B 157 -6.99 3.46 -3.88
C ASN B 157 -7.09 4.47 -2.75
N PHE B 158 -6.73 5.72 -3.03
CA PHE B 158 -6.69 6.80 -2.00
C PHE B 158 -8.11 6.93 -1.39
N LYS B 159 -9.13 6.98 -2.22
CA LYS B 159 -10.50 7.15 -1.76
C LYS B 159 -10.92 5.93 -0.91
N THR B 160 -10.52 4.73 -1.31
CA THR B 160 -10.90 3.50 -0.59
C THR B 160 -10.30 3.64 0.82
N ASN B 161 -9.04 4.01 0.92
CA ASN B 161 -8.39 4.16 2.24
C ASN B 161 -9.15 5.21 3.05
N MET B 162 -9.54 6.31 2.42
CA MET B 162 -10.30 7.36 3.17
C MET B 162 -11.59 6.72 3.69
N GLY B 163 -12.25 5.88 2.90
CA GLY B 163 -13.51 5.30 3.36
C GLY B 163 -13.32 4.32 4.52
N GLN B 164 -12.27 3.54 4.47
CA GLN B 164 -11.90 2.61 5.56
C GLN B 164 -11.67 3.42 6.83
N SER B 165 -10.96 4.54 6.73
CA SER B 165 -10.67 5.40 7.89
C SER B 165 -12.01 6.00 8.40
N LEU B 166 -12.90 6.42 7.51
CA LEU B 166 -14.17 7.01 7.98
C LEU B 166 -14.95 5.93 8.74
N ASP B 167 -14.94 4.69 8.26
CA ASP B 167 -15.67 3.58 8.93
C ASP B 167 -15.07 3.44 10.34
N ALA B 168 -13.76 3.50 10.45
CA ALA B 168 -13.09 3.27 11.75
C ALA B 168 -13.43 4.40 12.70
N LEU B 169 -13.68 5.61 12.19
CA LEU B 169 -14.05 6.79 13.05
C LEU B 169 -15.45 6.60 13.68
N CYS B 170 -16.16 5.50 13.38
CA CYS B 170 -17.46 5.17 13.98
C CYS B 170 -17.27 4.26 15.20
N MET B 171 -16.02 4.01 15.58
CA MET B 171 -15.71 3.11 16.72
C MET B 171 -14.60 3.75 17.57
N LYS B 172 -14.69 3.63 18.88
CA LYS B 172 -13.62 4.13 19.78
C LYS B 172 -13.57 3.22 21.00
N ASP B 173 -12.35 2.85 21.42
CA ASP B 173 -12.15 2.01 22.63
C ASP B 173 -13.09 0.80 22.54
N GLY B 174 -13.25 0.22 21.35
CA GLY B 174 -13.95 -1.07 21.14
C GLY B 174 -15.47 -0.95 21.08
N ARG B 175 -16.01 0.26 21.24
CA ARG B 175 -17.46 0.54 21.32
C ARG B 175 -17.85 1.37 20.10
N PRO B 176 -19.02 1.13 19.50
CA PRO B 176 -19.55 2.02 18.48
C PRO B 176 -19.94 3.40 19.05
N ILE B 177 -19.59 4.44 18.29
CA ILE B 177 -19.95 5.84 18.62
C ILE B 177 -21.28 6.20 17.96
N LEU B 178 -22.41 5.99 18.63
CA LEU B 178 -23.73 6.04 17.95
C LEU B 178 -24.08 7.45 17.47
N SER B 179 -23.54 8.49 18.08
CA SER B 179 -23.68 9.89 17.62
C SER B 179 -23.11 10.03 16.18
N GLN B 180 -22.19 9.17 15.79
CA GLN B 180 -21.55 9.18 14.44
C GLN B 180 -22.45 8.53 13.41
N PHE B 181 -23.43 7.75 13.82
CA PHE B 181 -24.24 6.89 12.91
C PHE B 181 -25.33 7.78 12.30
N THR B 182 -24.95 8.64 11.37
CA THR B 182 -25.86 9.48 10.57
C THR B 182 -25.95 8.92 9.15
N MET B 183 -27.06 9.20 8.48
CA MET B 183 -27.22 8.73 7.09
C MET B 183 -26.14 9.40 6.23
N LYS B 184 -25.79 10.66 6.51
CA LYS B 184 -24.77 11.38 5.70
C LYS B 184 -23.44 10.64 5.83
N ARG B 185 -23.05 10.24 7.04
CA ARG B 185 -21.77 9.50 7.24
C ARG B 185 -21.86 8.10 6.64
N TYR B 186 -22.95 7.39 6.83
CA TYR B 186 -23.16 6.06 6.23
C TYR B 186 -22.98 6.16 4.71
N SER B 187 -23.68 7.10 4.08
CA SER B 187 -23.61 7.20 2.59
C SER B 187 -22.15 7.44 2.14
N SER B 188 -21.41 8.26 2.87
CA SER B 188 -20.00 8.59 2.60
C SER B 188 -19.15 7.32 2.76
N ILE B 189 -19.36 6.57 3.84
CA ILE B 189 -18.60 5.34 4.01
C ILE B 189 -18.84 4.43 2.81
N VAL B 190 -20.08 4.22 2.45
CA VAL B 190 -20.35 3.24 1.37
C VAL B 190 -19.69 3.75 0.07
N LYS B 191 -19.83 5.02 -0.20
CA LYS B 191 -19.31 5.61 -1.45
C LYS B 191 -17.79 5.37 -1.52
N TYR B 192 -17.07 5.82 -0.50
CA TYR B 192 -15.59 5.84 -0.47
C TYR B 192 -15.03 4.44 -0.27
N LYS B 193 -15.56 3.71 0.70
CA LYS B 193 -14.96 2.44 1.09
C LYS B 193 -15.23 1.33 0.06
N THR B 194 -16.34 1.43 -0.66
CA THR B 194 -16.85 0.27 -1.39
C THR B 194 -17.25 0.65 -2.81
N SER B 195 -18.10 1.65 -3.01
CA SER B 195 -18.74 1.82 -4.34
C SER B 195 -17.69 2.26 -5.37
N TYR B 196 -16.73 3.09 -5.01
CA TYR B 196 -15.70 3.56 -5.97
C TYR B 196 -15.02 2.35 -6.58
N TYR B 197 -14.48 1.43 -5.79
CA TYR B 197 -13.67 0.34 -6.34
C TYR B 197 -14.56 -0.79 -6.88
N THR B 198 -15.79 -0.94 -6.38
CA THR B 198 -16.62 -2.08 -6.77
C THR B 198 -17.37 -1.76 -8.07
N PHE B 199 -17.89 -0.52 -8.17
CA PHE B 199 -18.81 -0.18 -9.30
C PHE B 199 -18.15 0.84 -10.24
N GLN B 200 -17.57 1.91 -9.74
CA GLN B 200 -16.99 2.95 -10.61
C GLN B 200 -15.81 2.39 -11.36
N LEU B 201 -14.92 1.72 -10.67
CA LEU B 201 -13.61 1.36 -11.23
C LEU B 201 -13.84 0.42 -12.43
N PRO B 202 -14.65 -0.65 -12.37
CA PRO B 202 -14.79 -1.52 -13.55
C PRO B 202 -15.32 -0.74 -14.76
N VAL B 203 -16.32 0.10 -14.53
CA VAL B 203 -16.93 0.82 -15.68
C VAL B 203 -15.95 1.85 -16.25
N SER B 204 -15.31 2.65 -15.43
CA SER B 204 -14.37 3.68 -15.90
C SER B 204 -13.21 2.96 -16.61
N LEU B 205 -12.81 1.75 -16.15
CA LEU B 205 -11.75 1.01 -16.88
C LEU B 205 -12.27 0.65 -18.28
N GLY B 206 -13.50 0.11 -18.39
CA GLY B 206 -14.04 -0.30 -19.68
C GLY B 206 -14.07 0.92 -20.58
N MET B 207 -14.50 2.06 -20.05
CA MET B 207 -14.57 3.31 -20.84
C MET B 207 -13.18 3.68 -21.33
N TYR B 208 -12.19 3.71 -20.45
CA TYR B 208 -10.83 4.12 -20.88
C TYR B 208 -10.29 3.17 -21.95
N LEU B 209 -10.46 1.86 -21.75
CA LEU B 209 -9.94 0.91 -22.75
C LEU B 209 -10.64 1.14 -24.10
N ALA B 210 -11.90 1.60 -24.07
CA ALA B 210 -12.67 1.92 -25.31
C ALA B 210 -12.40 3.38 -25.73
N ASP B 211 -11.32 3.98 -25.27
CA ASP B 211 -10.93 5.38 -25.62
C ASP B 211 -12.06 6.38 -25.39
N MET B 212 -12.76 6.21 -24.26
CA MET B 212 -13.79 7.14 -23.80
C MET B 212 -13.21 7.91 -22.63
N TYR B 213 -12.71 9.10 -22.89
CA TYR B 213 -11.97 9.93 -21.91
C TYR B 213 -12.82 11.07 -21.34
N ASP B 214 -13.96 11.36 -21.93
CA ASP B 214 -14.79 12.54 -21.62
C ASP B 214 -15.18 12.49 -20.16
N PRO B 215 -14.72 13.47 -19.34
CA PRO B 215 -15.10 13.52 -17.93
C PRO B 215 -16.62 13.45 -17.73
N GLU B 216 -17.41 14.08 -18.61
CA GLU B 216 -18.91 14.11 -18.45
C GLU B 216 -19.46 12.68 -18.57
N GLN B 217 -18.87 11.83 -19.41
CA GLN B 217 -19.36 10.45 -19.55
C GLN B 217 -19.05 9.71 -18.24
N HIS B 218 -17.82 9.84 -17.73
CA HIS B 218 -17.46 9.19 -16.45
C HIS B 218 -18.34 9.70 -15.33
N ARG B 219 -18.62 11.00 -15.30
CA ARG B 219 -19.51 11.58 -14.26
C ARG B 219 -20.93 11.03 -14.37
N GLN B 220 -21.48 10.94 -15.57
CA GLN B 220 -22.84 10.46 -15.77
C GLN B 220 -22.92 9.00 -15.28
N ALA B 221 -21.91 8.18 -15.56
CA ALA B 221 -21.89 6.77 -15.14
C ALA B 221 -21.83 6.76 -13.61
N LYS B 222 -20.98 7.62 -13.04
CA LYS B 222 -20.74 7.66 -11.57
C LYS B 222 -22.05 7.88 -10.82
N THR B 223 -22.89 8.81 -11.24
CA THR B 223 -24.15 9.14 -10.55
C THR B 223 -24.97 7.86 -10.37
N ILE B 224 -25.15 7.12 -11.44
CA ILE B 224 -25.96 5.89 -11.42
C ILE B 224 -25.21 4.85 -10.56
N LEU B 225 -23.93 4.66 -10.79
CA LEU B 225 -23.17 3.57 -10.12
C LEU B 225 -23.15 3.81 -8.62
N MET B 226 -23.03 5.04 -8.16
CA MET B 226 -23.02 5.30 -6.69
C MET B 226 -24.42 5.00 -6.10
N GLU B 227 -25.49 5.26 -6.80
CA GLU B 227 -26.85 4.89 -6.35
C GLU B 227 -27.00 3.38 -6.28
N ILE B 228 -26.54 2.66 -7.32
CA ILE B 228 -26.60 1.18 -7.31
C ILE B 228 -25.76 0.70 -6.12
N GLY B 229 -24.58 1.29 -5.90
CA GLY B 229 -23.68 0.82 -4.82
C GLY B 229 -24.33 1.01 -3.48
N GLU B 230 -25.03 2.12 -3.31
CA GLU B 230 -25.74 2.41 -2.06
C GLU B 230 -26.82 1.38 -1.82
N PHE B 231 -27.68 1.08 -2.80
CA PHE B 231 -28.66 0.00 -2.62
C PHE B 231 -27.96 -1.32 -2.31
N ASP B 232 -26.86 -1.63 -3.04
CA ASP B 232 -26.18 -2.93 -2.84
C ASP B 232 -25.84 -3.07 -1.35
N GLN B 233 -25.26 -2.04 -0.76
CA GLN B 233 -24.74 -2.17 0.64
C GLN B 233 -25.92 -2.17 1.59
N ILE B 234 -26.96 -1.40 1.31
CA ILE B 234 -28.15 -1.37 2.21
C ILE B 234 -28.81 -2.74 2.21
N GLN B 235 -29.01 -3.34 1.03
CA GLN B 235 -29.56 -4.72 0.94
C GLN B 235 -28.67 -5.70 1.76
N ASP B 236 -27.36 -5.58 1.59
CA ASP B 236 -26.42 -6.48 2.31
C ASP B 236 -26.65 -6.30 3.82
N ASP B 237 -26.74 -5.04 4.24
CA ASP B 237 -26.91 -4.69 5.68
C ASP B 237 -28.22 -5.29 6.17
N PHE B 238 -29.28 -5.11 5.41
CA PHE B 238 -30.58 -5.67 5.76
C PHE B 238 -30.46 -7.17 5.94
N LEU B 239 -29.88 -7.88 4.95
CA LEU B 239 -29.82 -9.34 5.00
C LEU B 239 -28.93 -9.84 6.15
N ASP B 240 -27.98 -9.04 6.61
CA ASP B 240 -27.07 -9.44 7.70
C ASP B 240 -27.91 -9.80 8.93
N ALA B 241 -28.97 -9.04 9.17
CA ALA B 241 -29.85 -9.27 10.34
C ALA B 241 -31.06 -10.13 9.98
N PHE B 242 -31.59 -9.99 8.76
CA PHE B 242 -32.93 -10.49 8.42
C PHE B 242 -32.88 -11.66 7.43
N GLY B 243 -31.73 -11.93 6.84
CA GLY B 243 -31.59 -13.00 5.85
C GLY B 243 -31.60 -14.35 6.50
N ASP B 244 -31.91 -15.38 5.75
CA ASP B 244 -31.81 -16.77 6.27
C ASP B 244 -30.35 -17.24 6.09
N SER B 245 -29.68 -17.67 7.17
CA SER B 245 -28.33 -18.30 7.19
C SER B 245 -28.47 -19.83 7.06
N VAL B 251 -23.93 -16.20 8.40
CA VAL B 251 -24.46 -15.82 9.75
C VAL B 251 -23.93 -14.42 10.15
N GLY B 252 -24.86 -13.47 10.25
CA GLY B 252 -24.60 -12.02 10.39
C GLY B 252 -24.04 -11.61 11.75
N THR B 253 -22.96 -10.85 11.74
CA THR B 253 -22.26 -10.38 12.96
C THR B 253 -22.20 -8.86 12.98
N ASP B 254 -22.90 -8.17 12.08
CA ASP B 254 -22.78 -6.69 12.08
C ASP B 254 -23.11 -6.13 13.48
N ILE B 255 -24.17 -6.63 14.10
CA ILE B 255 -24.60 -6.07 15.42
C ILE B 255 -23.50 -6.28 16.47
N LYS B 256 -22.99 -7.50 16.61
CA LYS B 256 -21.92 -7.85 17.58
C LYS B 256 -20.68 -6.99 17.31
N GLU B 257 -20.41 -6.72 16.03
CA GLU B 257 -19.18 -5.98 15.62
C GLU B 257 -19.38 -4.46 15.70
N GLY B 258 -20.58 -3.99 16.00
CA GLY B 258 -20.85 -2.56 16.19
C GLY B 258 -20.77 -1.80 14.87
N LYS B 259 -21.09 -2.47 13.76
CA LYS B 259 -20.89 -1.86 12.40
C LYS B 259 -21.85 -0.70 12.18
N CYS B 260 -21.38 0.28 11.45
CA CYS B 260 -22.20 1.40 10.99
C CYS B 260 -23.05 0.89 9.83
N SER B 261 -24.07 0.12 10.15
CA SER B 261 -25.00 -0.52 9.18
C SER B 261 -26.21 0.39 8.94
N TRP B 262 -26.84 0.28 7.78
CA TRP B 262 -28.07 1.05 7.49
C TRP B 262 -29.13 0.78 8.55
N LEU B 263 -29.23 -0.45 9.01
CA LEU B 263 -30.27 -0.80 10.02
C LEU B 263 -29.99 0.03 11.26
N ALA B 264 -28.75 0.09 11.73
CA ALA B 264 -28.44 0.86 12.97
C ALA B 264 -28.72 2.36 12.75
N VAL B 265 -28.35 2.89 11.59
CA VAL B 265 -28.56 4.32 11.26
C VAL B 265 -30.05 4.62 11.30
N VAL B 266 -30.85 3.82 10.62
CA VAL B 266 -32.31 4.10 10.54
C VAL B 266 -32.92 3.83 11.94
N ALA B 267 -32.49 2.76 12.62
CA ALA B 267 -33.01 2.53 13.98
C ALA B 267 -32.78 3.81 14.82
N LEU B 268 -31.61 4.43 14.73
CA LEU B 268 -31.35 5.64 15.55
C LEU B 268 -32.26 6.80 15.11
N GLN B 269 -32.58 6.93 13.82
CA GLN B 269 -33.49 8.00 13.33
C GLN B 269 -34.88 7.83 13.91
N ARG B 270 -35.34 6.59 14.03
CA ARG B 270 -36.75 6.21 14.38
C ARG B 270 -36.93 6.05 15.91
N SER B 271 -35.84 5.92 16.69
CA SER B 271 -35.92 5.56 18.14
C SER B 271 -36.41 6.75 19.00
N ASN B 272 -37.28 6.45 19.95
CA ASN B 272 -37.59 7.35 21.10
C ASN B 272 -36.45 7.18 22.09
N PRO B 273 -36.38 8.00 23.17
CA PRO B 273 -35.26 7.89 24.10
C PRO B 273 -35.08 6.49 24.71
N ALA B 274 -36.17 5.75 25.02
CA ALA B 274 -36.09 4.38 25.61
C ALA B 274 -35.44 3.45 24.59
N GLN B 275 -35.83 3.58 23.33
CA GLN B 275 -35.29 2.73 22.22
C GLN B 275 -33.81 3.08 21.98
N ARG B 276 -33.43 4.36 22.00
CA ARG B 276 -32.02 4.80 21.86
C ARG B 276 -31.21 4.17 22.99
N GLN B 277 -31.74 4.13 24.25
CA GLN B 277 -30.96 3.54 25.36
C GLN B 277 -30.73 2.06 25.10
N ILE B 278 -31.67 1.36 24.47
CA ILE B 278 -31.45 -0.10 24.19
C ILE B 278 -30.25 -0.20 23.21
N MET B 279 -30.25 0.66 22.18
CA MET B 279 -29.07 0.68 21.28
C MET B 279 -27.77 0.99 22.05
N GLU B 280 -27.76 2.05 22.87
CA GLU B 280 -26.55 2.42 23.64
C GLU B 280 -26.10 1.20 24.45
N GLU B 281 -27.04 0.48 25.05
CA GLU B 281 -26.65 -0.64 25.98
C GLU B 281 -26.19 -1.89 25.22
N HIS B 282 -26.85 -2.23 24.10
CA HIS B 282 -26.74 -3.60 23.51
C HIS B 282 -26.04 -3.58 22.15
N TYR B 283 -25.85 -2.43 21.49
CA TYR B 283 -25.24 -2.47 20.15
C TYR B 283 -23.74 -2.77 20.28
N GLY B 284 -23.18 -3.68 19.46
CA GLY B 284 -21.73 -3.91 19.50
C GLY B 284 -21.22 -4.70 20.70
N ARG B 285 -22.09 -5.45 21.35
CA ARG B 285 -21.70 -6.29 22.52
C ARG B 285 -21.42 -7.71 22.04
N PRO B 286 -20.56 -8.46 22.75
CA PRO B 286 -20.26 -9.83 22.34
C PRO B 286 -21.34 -10.91 22.58
N GLU B 287 -22.21 -10.69 23.56
CA GLU B 287 -23.20 -11.69 24.05
C GLU B 287 -24.26 -11.88 22.98
N PRO B 288 -24.51 -13.13 22.54
CA PRO B 288 -25.58 -13.41 21.58
C PRO B 288 -26.95 -12.81 21.97
N GLU B 289 -27.23 -12.73 23.26
CA GLU B 289 -28.54 -12.25 23.73
C GLU B 289 -28.67 -10.76 23.38
N SER B 290 -27.56 -9.99 23.38
CA SER B 290 -27.58 -8.54 23.02
C SER B 290 -27.90 -8.44 21.54
N THR B 291 -27.41 -9.37 20.70
CA THR B 291 -27.73 -9.32 19.25
C THR B 291 -29.23 -9.56 19.08
N GLN B 292 -29.82 -10.50 19.85
CA GLN B 292 -31.28 -10.76 19.75
C GLN B 292 -32.08 -9.54 20.26
N ILE B 293 -31.59 -8.86 21.29
CA ILE B 293 -32.27 -7.63 21.81
C ILE B 293 -32.31 -6.57 20.70
N ILE B 294 -31.19 -6.39 20.02
CA ILE B 294 -31.14 -5.39 18.91
C ILE B 294 -32.04 -5.86 17.76
N LYS B 295 -31.99 -7.13 17.35
CA LYS B 295 -32.88 -7.64 16.27
C LYS B 295 -34.33 -7.39 16.64
N ASN B 296 -34.70 -7.65 17.90
CA ASN B 296 -36.08 -7.39 18.37
C ASN B 296 -36.44 -5.90 18.24
N LEU B 297 -35.52 -5.02 18.57
CA LEU B 297 -35.73 -3.57 18.43
C LEU B 297 -35.93 -3.22 16.93
N TYR B 298 -35.10 -3.78 16.06
CA TYR B 298 -35.23 -3.49 14.61
C TYR B 298 -36.62 -3.93 14.15
N ILE B 299 -37.10 -5.08 14.61
CA ILE B 299 -38.48 -5.56 14.29
C ILE B 299 -39.50 -4.54 14.83
N GLU B 300 -39.38 -4.16 16.11
CA GLU B 300 -40.32 -3.21 16.76
C GLU B 300 -40.38 -1.90 15.98
N LEU B 301 -39.25 -1.46 15.47
CA LEU B 301 -39.15 -0.14 14.77
C LEU B 301 -39.57 -0.26 13.28
N GLY B 302 -39.94 -1.46 12.81
CA GLY B 302 -40.45 -1.60 11.43
C GLY B 302 -39.33 -1.49 10.43
N LEU B 303 -38.10 -1.88 10.75
CA LEU B 303 -37.03 -1.78 9.76
C LEU B 303 -37.32 -2.64 8.52
N PRO B 304 -37.86 -3.84 8.62
CA PRO B 304 -38.19 -4.63 7.43
C PRO B 304 -39.11 -3.84 6.47
N ALA B 305 -40.18 -3.25 6.97
CA ALA B 305 -41.12 -2.49 6.14
C ALA B 305 -40.39 -1.27 5.57
N THR B 306 -39.55 -0.62 6.34
CA THR B 306 -38.75 0.52 5.87
C THR B 306 -37.83 0.08 4.73
N PHE B 307 -37.24 -1.10 4.84
CA PHE B 307 -36.34 -1.61 3.78
C PHE B 307 -37.21 -1.87 2.54
N ALA B 308 -38.38 -2.49 2.68
CA ALA B 308 -39.28 -2.73 1.52
C ALA B 308 -39.59 -1.42 0.79
N VAL B 309 -39.92 -0.36 1.50
CA VAL B 309 -40.24 0.97 0.90
C VAL B 309 -38.99 1.53 0.18
N TYR B 310 -37.84 1.47 0.80
CA TYR B 310 -36.55 1.89 0.21
C TYR B 310 -36.22 1.09 -1.06
N GLU B 311 -36.39 -0.23 -1.03
CA GLU B 311 -36.03 -1.08 -2.18
C GLU B 311 -36.89 -0.68 -3.38
N GLU B 312 -38.18 -0.46 -3.17
CA GLU B 312 -39.11 -0.09 -4.26
C GLU B 312 -38.75 1.32 -4.74
N GLU B 313 -38.60 2.28 -3.83
CA GLU B 313 -38.34 3.71 -4.19
C GLU B 313 -36.98 3.83 -4.87
N SER B 314 -35.93 3.19 -4.36
CA SER B 314 -34.59 3.23 -4.98
C SER B 314 -34.63 2.54 -6.33
N PHE B 315 -35.31 1.42 -6.49
CA PHE B 315 -35.38 0.70 -7.79
C PHE B 315 -35.93 1.68 -8.82
N ASN B 316 -37.01 2.38 -8.48
CA ASN B 316 -37.70 3.30 -9.40
C ASN B 316 -36.80 4.48 -9.78
N ILE B 317 -36.16 5.10 -8.80
CA ILE B 317 -35.23 6.24 -9.03
C ILE B 317 -34.10 5.78 -9.95
N ILE B 318 -33.50 4.64 -9.69
CA ILE B 318 -32.31 4.20 -10.45
C ILE B 318 -32.76 3.84 -11.88
N ARG B 319 -33.88 3.14 -12.01
CA ARG B 319 -34.42 2.82 -13.35
C ARG B 319 -34.63 4.13 -14.11
N THR B 320 -35.22 5.12 -13.47
CA THR B 320 -35.48 6.43 -14.10
C THR B 320 -34.17 7.04 -14.56
N HIS B 321 -33.17 7.09 -13.70
CA HIS B 321 -31.86 7.70 -14.06
C HIS B 321 -31.18 6.90 -15.17
N ILE B 322 -31.34 5.59 -15.19
CA ILE B 322 -30.77 4.79 -16.31
C ILE B 322 -31.48 5.16 -17.63
N HIS B 323 -32.79 5.22 -17.60
CA HIS B 323 -33.52 5.57 -18.82
C HIS B 323 -33.09 6.98 -19.28
N GLN B 324 -32.73 7.87 -18.36
CA GLN B 324 -32.29 9.26 -18.66
C GLN B 324 -30.83 9.35 -19.06
N ILE B 325 -30.05 8.29 -18.99
CA ILE B 325 -28.60 8.38 -19.21
C ILE B 325 -28.34 8.96 -20.60
N SER B 326 -27.43 9.92 -20.67
CA SER B 326 -27.15 10.64 -21.93
C SER B 326 -25.65 10.57 -22.21
N LYS B 327 -25.10 11.57 -22.89
CA LYS B 327 -23.65 11.67 -23.20
C LYS B 327 -23.24 10.45 -24.04
N GLY B 328 -24.17 9.85 -24.79
CA GLY B 328 -23.89 8.70 -25.69
C GLY B 328 -23.60 7.40 -25.00
N LEU B 329 -23.96 7.28 -23.74
CA LEU B 329 -23.74 6.02 -22.97
C LEU B 329 -24.87 5.03 -23.21
N PRO B 330 -24.55 3.72 -23.25
CA PRO B 330 -25.56 2.70 -23.45
C PRO B 330 -26.35 2.42 -22.17
N HIS B 331 -27.66 2.37 -22.26
CA HIS B 331 -28.59 1.97 -21.17
C HIS B 331 -28.29 0.57 -20.70
N ASP B 332 -28.13 -0.34 -21.66
CA ASP B 332 -28.16 -1.78 -21.40
C ASP B 332 -27.08 -2.15 -20.37
N LEU B 333 -25.91 -1.53 -20.40
CA LEU B 333 -24.82 -1.84 -19.46
C LEU B 333 -25.32 -1.61 -18.02
N PHE B 334 -25.92 -0.45 -17.79
CA PHE B 334 -26.37 -0.01 -16.44
C PHE B 334 -27.57 -0.85 -16.00
N PHE B 335 -28.51 -1.18 -16.88
CA PHE B 335 -29.61 -2.11 -16.59
C PHE B 335 -29.06 -3.47 -16.18
N LYS B 336 -28.00 -3.93 -16.84
CA LYS B 336 -27.42 -5.25 -16.53
C LYS B 336 -26.87 -5.22 -15.10
N ILE B 337 -26.17 -4.15 -14.75
CA ILE B 337 -25.54 -3.98 -13.41
C ILE B 337 -26.68 -3.91 -12.37
N MET B 338 -27.66 -3.06 -12.61
CA MET B 338 -28.81 -2.89 -11.74
C MET B 338 -29.48 -4.25 -11.51
N LYS B 339 -29.71 -5.04 -12.54
CA LYS B 339 -30.48 -6.31 -12.44
C LYS B 339 -29.70 -7.33 -11.61
N LYS B 340 -28.38 -7.36 -11.70
CA LYS B 340 -27.54 -8.28 -10.91
C LYS B 340 -27.70 -7.92 -9.43
N ILE B 341 -27.78 -6.64 -9.09
CA ILE B 341 -27.85 -6.21 -7.66
C ILE B 341 -29.26 -6.42 -7.13
N TYR B 342 -30.30 -5.99 -7.85
CA TYR B 342 -31.69 -6.11 -7.35
C TYR B 342 -32.32 -7.50 -7.57
N LYS B 343 -31.80 -8.34 -8.47
CA LYS B 343 -32.42 -9.62 -8.91
C LYS B 343 -33.95 -9.50 -9.13
MG MG C . 11.14 -5.68 10.36
MG MG D . 11.33 -3.38 12.56
MG MG E . 19.73 -1.29 12.55
MG MG F . 14.77 -1.07 15.49
C1 GOL G . 21.53 5.73 8.24
O1 GOL G . 20.62 4.70 7.81
C2 GOL G . 21.18 7.13 7.74
O2 GOL G . 22.30 7.98 7.91
C3 GOL G . 20.01 7.82 8.39
O3 GOL G . 18.79 7.46 7.79
C1 GPP H . 12.75 -1.95 8.89
O1 GPP H . 13.68 -3.05 9.02
C2 GPP H . 11.94 -2.18 7.61
C3 GPP H . 12.04 -1.57 6.42
C4 GPP H . 13.11 -0.59 6.05
C5 GPP H . 11.09 -1.88 5.28
C6 GPP H . 9.81 -2.57 5.61
C7 GPP H . 9.10 -3.05 4.39
C8 GPP H . 7.82 -3.31 4.21
C9 GPP H . 6.75 -3.06 5.23
C10 GPP H . 7.28 -3.80 2.91
PA GPP H . 13.88 -3.85 10.39
O1A GPP H . 12.54 -4.26 10.92
O2A GPP H . 14.85 -4.94 10.14
O3A GPP H . 14.61 -2.80 11.36
PB GPP H . 14.06 -1.60 12.28
O1B GPP H . 12.58 -1.79 12.40
O2B GPP H . 14.48 -0.34 11.55
O3B GPP H . 14.80 -1.83 13.59
MG MG I . -22.29 -7.16 5.14
#